data_9IYG
#
_entry.id   9IYG
#
_cell.length_a   138.271
_cell.length_b   79.846
_cell.length_c   107.541
_cell.angle_alpha   90.000
_cell.angle_beta   93.354
_cell.angle_gamma   90.000
#
_symmetry.space_group_name_H-M   'C 1 2 1'
#
loop_
_entity.id
_entity.type
_entity.pdbx_description
1 polymer 'Phosphopantetheine adenylyltransferase'
2 non-polymer 'CITRIC ACID'
3 non-polymer GLYCEROL
4 water water
#
_entity_poly.entity_id   1
_entity_poly.type   'polypeptide(L)'
_entity_poly.pdbx_seq_one_letter_code
;GSHMASMTGGQQMGRGSMSTKAIYPGTFDPITNGHIDIITRAASMFDRVILAIAASPSKKPMFDLEERVALATTALQHLP
NVEVMGFSDLMANFARAQQANILIRGLRAVADFEYEMQLAHMNRHLMPELESVFLMPSKEWSFISSSLVKEVARHAGDVT
HFLPANVHQALMEKLK
;
_entity_poly.pdbx_strand_id   A,B,C,D,E,F
#
loop_
_chem_comp.id
_chem_comp.type
_chem_comp.name
_chem_comp.formula
CIT non-polymer 'CITRIC ACID' 'C6 H8 O7'
GOL non-polymer GLYCEROL 'C3 H8 O3'
#
# COMPACT_ATOMS: atom_id res chain seq x y z
N MET A 18 33.17 -17.48 3.01
CA MET A 18 34.03 -16.82 4.03
C MET A 18 33.61 -15.35 4.15
N SER A 19 34.57 -14.39 4.06
CA SER A 19 34.43 -13.10 4.69
C SER A 19 33.24 -12.32 4.11
N THR A 20 32.40 -11.75 4.99
CA THR A 20 31.32 -10.85 4.62
C THR A 20 31.61 -9.44 5.13
N LYS A 21 31.35 -8.42 4.29
CA LYS A 21 31.53 -7.03 4.68
C LYS A 21 30.32 -6.23 4.20
N ALA A 22 29.59 -5.61 5.15
CA ALA A 22 28.33 -4.94 4.87
C ALA A 22 28.45 -3.42 5.04
N ILE A 23 27.72 -2.69 4.18
CA ILE A 23 27.55 -1.24 4.25
C ILE A 23 26.11 -0.97 4.71
N TYR A 24 25.95 -0.05 5.67
CA TYR A 24 24.66 0.44 6.12
C TYR A 24 24.59 1.95 5.85
N PRO A 25 24.08 2.37 4.67
CA PRO A 25 24.02 3.77 4.30
C PRO A 25 22.78 4.54 4.80
N GLY A 26 22.96 5.84 5.01
CA GLY A 26 21.90 6.75 5.43
C GLY A 26 22.44 8.17 5.63
N THR A 27 21.55 9.07 6.06
CA THR A 27 21.93 10.43 6.42
C THR A 27 22.26 10.51 7.91
N PHE A 28 21.59 9.70 8.74
CA PHE A 28 21.87 9.62 10.18
C PHE A 28 22.01 11.01 10.78
N ASP A 29 20.92 11.79 10.72
CA ASP A 29 20.92 13.20 11.09
C ASP A 29 19.89 13.46 12.18
N PRO A 30 20.12 13.05 13.46
CA PRO A 30 21.24 12.20 13.85
C PRO A 30 20.89 10.72 13.99
N ILE A 31 21.88 9.88 14.33
CA ILE A 31 21.67 8.46 14.60
C ILE A 31 20.75 8.32 15.82
N THR A 32 19.80 7.37 15.75
CA THR A 32 18.84 7.07 16.80
C THR A 32 19.05 5.64 17.32
N ASN A 33 18.31 5.29 18.38
CA ASN A 33 18.34 3.95 18.96
C ASN A 33 17.90 2.91 17.94
N GLY A 34 17.03 3.32 17.00
CA GLY A 34 16.57 2.44 15.95
C GLY A 34 17.71 2.02 15.02
N HIS A 35 18.52 3.01 14.63
CA HIS A 35 19.69 2.75 13.80
C HIS A 35 20.66 1.83 14.54
N ILE A 36 20.88 2.10 15.83
CA ILE A 36 21.83 1.36 16.64
C ILE A 36 21.40 -0.10 16.74
N ASP A 37 20.09 -0.32 16.85
CA ASP A 37 19.53 -1.66 16.93
C ASP A 37 19.81 -2.42 15.61
N ILE A 38 19.54 -1.77 14.47
CA ILE A 38 19.76 -2.38 13.16
C ILE A 38 21.23 -2.78 13.01
N ILE A 39 22.16 -1.85 13.28
CA ILE A 39 23.57 -2.11 13.04
C ILE A 39 24.11 -3.15 14.02
N THR A 40 23.57 -3.19 15.26
CA THR A 40 23.98 -4.17 16.26
C THR A 40 23.63 -5.58 15.76
N ARG A 41 22.41 -5.73 15.24
CA ARG A 41 21.94 -7.00 14.70
C ARG A 41 22.76 -7.41 13.47
N ALA A 42 23.10 -6.44 12.63
CA ALA A 42 23.87 -6.69 11.42
C ALA A 42 25.29 -7.10 11.77
N ALA A 43 25.89 -6.46 12.77
CA ALA A 43 27.26 -6.74 13.21
C ALA A 43 27.38 -8.10 13.87
N SER A 44 26.27 -8.70 14.32
CA SER A 44 26.27 -10.04 14.89
C SER A 44 26.24 -11.13 13.82
N MET A 45 25.88 -10.78 12.56
CA MET A 45 25.73 -11.79 11.52
C MET A 45 26.72 -11.60 10.36
N PHE A 46 27.42 -10.45 10.29
CA PHE A 46 28.41 -10.21 9.24
C PHE A 46 29.74 -9.84 9.89
N ASP A 47 30.84 -10.13 9.19
CA ASP A 47 32.17 -10.05 9.76
C ASP A 47 32.51 -8.60 10.09
N ARG A 48 32.26 -7.68 9.14
CA ARG A 48 32.46 -6.25 9.34
C ARG A 48 31.25 -5.48 8.81
N VAL A 49 30.97 -4.33 9.46
CA VAL A 49 29.91 -3.43 9.03
C VAL A 49 30.46 -2.00 8.99
N ILE A 50 30.20 -1.29 7.88
CA ILE A 50 30.47 0.14 7.78
C ILE A 50 29.14 0.90 7.82
N LEU A 51 28.99 1.80 8.79
CA LEU A 51 27.95 2.82 8.75
C LEU A 51 28.38 3.90 7.77
N ALA A 52 27.72 4.01 6.62
CA ALA A 52 28.09 4.94 5.58
C ALA A 52 27.18 6.16 5.61
N ILE A 53 27.75 7.34 5.95
CA ILE A 53 26.97 8.56 6.16
C ILE A 53 27.09 9.48 4.94
N ALA A 54 25.95 9.77 4.29
CA ALA A 54 25.92 10.57 3.08
C ALA A 54 26.37 12.01 3.35
N ALA A 55 27.35 12.48 2.58
CA ALA A 55 27.98 13.79 2.79
C ALA A 55 27.02 14.93 2.45
N SER A 56 26.41 14.86 1.25
CA SER A 56 25.63 15.96 0.70
C SER A 56 24.20 15.49 0.41
N PRO A 57 23.34 15.30 1.44
CA PRO A 57 21.96 14.90 1.23
C PRO A 57 21.17 15.97 0.49
N SER A 58 20.02 15.57 -0.07
CA SER A 58 19.18 16.44 -0.88
C SER A 58 18.70 17.64 -0.07
N LYS A 59 18.07 17.36 1.09
CA LYS A 59 17.70 18.38 2.06
C LYS A 59 18.88 18.66 3.00
N LYS A 60 19.12 19.95 3.28
CA LYS A 60 20.25 20.36 4.11
C LYS A 60 20.04 19.80 5.52
N PRO A 61 20.99 19.01 6.06
CA PRO A 61 20.79 18.36 7.38
C PRO A 61 21.05 19.30 8.55
N MET A 62 20.50 18.97 9.72
CA MET A 62 20.67 19.76 10.93
C MET A 62 22.12 19.70 11.43
N PHE A 63 22.72 18.50 11.33
CA PHE A 63 24.13 18.27 11.64
C PHE A 63 24.92 18.11 10.34
N ASP A 64 26.13 18.70 10.28
CA ASP A 64 27.02 18.54 9.14
C ASP A 64 27.68 17.15 9.20
N LEU A 65 28.37 16.77 8.11
CA LEU A 65 28.96 15.45 8.00
C LEU A 65 29.87 15.16 9.19
N GLU A 66 30.72 16.13 9.55
CA GLU A 66 31.70 15.97 10.62
C GLU A 66 30.98 15.63 11.92
N GLU A 67 29.89 16.36 12.21
CA GLU A 67 29.12 16.19 13.45
C GLU A 67 28.45 14.81 13.44
N ARG A 68 27.87 14.43 12.29
CA ARG A 68 27.15 13.18 12.15
C ARG A 68 28.08 12.00 12.35
N VAL A 69 29.26 12.04 11.71
CA VAL A 69 30.25 10.98 11.80
C VAL A 69 30.74 10.86 13.24
N ALA A 70 30.97 12.00 13.92
CA ALA A 70 31.50 11.99 15.27
C ALA A 70 30.50 11.39 16.26
N LEU A 71 29.23 11.79 16.15
CA LEU A 71 28.18 11.31 17.05
C LEU A 71 27.97 9.80 16.89
N ALA A 72 27.99 9.32 15.63
CA ALA A 72 27.79 7.92 15.33
C ALA A 72 28.95 7.07 15.79
N THR A 73 30.19 7.57 15.58
CA THR A 73 31.41 6.90 16.02
C THR A 73 31.33 6.59 17.51
N THR A 74 30.96 7.59 18.32
CA THR A 74 30.88 7.44 19.78
C THR A 74 29.76 6.46 20.16
N ALA A 75 28.60 6.58 19.50
CA ALA A 75 27.44 5.76 19.81
C ALA A 75 27.68 4.28 19.53
N LEU A 76 28.58 3.97 18.58
CA LEU A 76 28.83 2.61 18.12
C LEU A 76 30.22 2.10 18.50
N GLN A 77 30.90 2.84 19.38
CA GLN A 77 32.28 2.55 19.75
C GLN A 77 32.39 1.16 20.37
N HIS A 78 31.30 0.72 21.05
CA HIS A 78 31.28 -0.53 21.80
C HIS A 78 31.17 -1.77 20.91
N LEU A 79 30.94 -1.57 19.60
CA LEU A 79 30.84 -2.68 18.66
C LEU A 79 32.18 -2.87 17.96
N PRO A 80 32.91 -3.98 18.21
CA PRO A 80 34.30 -4.11 17.76
C PRO A 80 34.48 -4.14 16.25
N ASN A 81 33.46 -4.61 15.52
CA ASN A 81 33.59 -4.87 14.10
C ASN A 81 32.81 -3.86 13.26
N VAL A 82 32.62 -2.65 13.79
CA VAL A 82 31.89 -1.59 13.10
C VAL A 82 32.77 -0.35 12.91
N GLU A 83 32.72 0.24 11.70
CA GLU A 83 33.43 1.48 11.37
C GLU A 83 32.43 2.49 10.80
N VAL A 84 32.58 3.77 11.13
CA VAL A 84 31.75 4.85 10.64
C VAL A 84 32.57 5.68 9.64
N MET A 85 31.98 5.96 8.47
CA MET A 85 32.63 6.71 7.40
C MET A 85 31.63 7.62 6.69
N GLY A 86 32.09 8.76 6.19
CA GLY A 86 31.32 9.56 5.24
C GLY A 86 31.56 9.10 3.81
N PHE A 87 30.63 9.42 2.90
CA PHE A 87 30.77 9.11 1.49
C PHE A 87 29.95 10.11 0.66
N SER A 88 30.42 10.37 -0.56
CA SER A 88 29.87 11.42 -1.41
C SER A 88 29.87 11.01 -2.88
N ASP A 89 29.50 9.75 -3.16
CA ASP A 89 29.57 9.21 -4.49
C ASP A 89 28.51 8.13 -4.63
N LEU A 90 28.52 7.44 -5.79
CA LEU A 90 27.62 6.34 -6.07
C LEU A 90 27.83 5.24 -5.03
N MET A 91 26.74 4.81 -4.36
CA MET A 91 26.84 3.72 -3.41
C MET A 91 27.58 2.51 -4.02
N ALA A 92 27.47 2.29 -5.34
CA ALA A 92 28.14 1.17 -5.98
C ALA A 92 29.65 1.35 -5.99
N ASN A 93 30.12 2.60 -6.16
CA ASN A 93 31.55 2.88 -6.22
C ASN A 93 32.17 2.83 -4.83
N PHE A 94 31.45 3.38 -3.84
CA PHE A 94 31.88 3.32 -2.45
C PHE A 94 32.02 1.85 -2.02
N ALA A 95 31.01 1.03 -2.36
CA ALA A 95 31.02 -0.36 -1.96
C ALA A 95 32.17 -1.09 -2.65
N ARG A 96 32.40 -0.77 -3.92
CA ARG A 96 33.50 -1.38 -4.68
C ARG A 96 34.82 -0.97 -4.04
N ALA A 97 34.99 0.32 -3.73
CA ALA A 97 36.19 0.86 -3.11
C ALA A 97 36.48 0.18 -1.78
N GLN A 98 35.40 -0.13 -1.04
CA GLN A 98 35.50 -0.67 0.30
C GLN A 98 35.50 -2.21 0.28
N GLN A 99 35.41 -2.82 -0.91
CA GLN A 99 35.40 -4.26 -1.08
C GLN A 99 34.25 -4.87 -0.27
N ALA A 100 33.08 -4.22 -0.28
CA ALA A 100 31.91 -4.67 0.45
C ALA A 100 31.00 -5.46 -0.50
N ASN A 101 30.35 -6.50 0.03
CA ASN A 101 29.54 -7.41 -0.79
C ASN A 101 28.08 -7.39 -0.32
N ILE A 102 27.78 -6.65 0.75
CA ILE A 102 26.44 -6.63 1.32
C ILE A 102 26.02 -5.19 1.59
N LEU A 103 24.79 -4.86 1.21
CA LEU A 103 24.17 -3.58 1.52
C LEU A 103 23.00 -3.79 2.46
N ILE A 104 23.06 -3.25 3.68
CA ILE A 104 22.03 -3.33 4.70
C ILE A 104 21.10 -2.13 4.58
N ARG A 105 19.77 -2.38 4.53
CA ARG A 105 18.76 -1.37 4.70
C ARG A 105 17.76 -1.78 5.78
N GLY A 106 17.43 -0.85 6.68
CA GLY A 106 16.31 -1.01 7.59
C GLY A 106 14.99 -0.69 6.88
N LEU A 107 13.95 -1.45 7.22
CA LEU A 107 12.67 -1.34 6.51
C LEU A 107 11.54 -1.10 7.51
N ARG A 108 11.12 0.17 7.59
CA ARG A 108 10.18 0.64 8.63
C ARG A 108 8.73 0.53 8.16
N ALA A 109 8.44 1.09 6.98
CA ALA A 109 7.08 1.29 6.49
C ALA A 109 6.96 0.86 5.02
N VAL A 110 5.72 0.61 4.57
CA VAL A 110 5.40 0.16 3.22
C VAL A 110 5.88 1.18 2.18
N ALA A 111 5.73 2.47 2.48
CA ALA A 111 6.12 3.53 1.56
C ALA A 111 7.61 3.47 1.22
N ASP A 112 8.42 3.06 2.22
CA ASP A 112 9.87 2.99 2.08
C ASP A 112 10.29 1.75 1.29
N PHE A 113 9.47 0.68 1.35
CA PHE A 113 9.78 -0.60 0.74
C PHE A 113 9.76 -0.45 -0.78
N GLU A 114 8.81 0.30 -1.34
CA GLU A 114 8.70 0.43 -2.80
C GLU A 114 9.95 1.12 -3.35
N TYR A 115 10.36 2.20 -2.66
CA TYR A 115 11.50 2.99 -3.09
C TYR A 115 12.78 2.17 -2.97
N GLU A 116 12.89 1.39 -1.89
CA GLU A 116 14.08 0.58 -1.63
C GLU A 116 14.17 -0.53 -2.67
N MET A 117 13.04 -1.10 -3.10
CA MET A 117 13.03 -2.14 -4.11
C MET A 117 13.50 -1.59 -5.45
N GLN A 118 13.15 -0.33 -5.75
CA GLN A 118 13.56 0.35 -6.98
C GLN A 118 15.08 0.56 -6.97
N LEU A 119 15.60 1.08 -5.85
CA LEU A 119 17.02 1.32 -5.70
C LEU A 119 17.80 0.01 -5.77
N ALA A 120 17.25 -1.08 -5.23
CA ALA A 120 17.92 -2.38 -5.23
C ALA A 120 18.05 -2.91 -6.65
N HIS A 121 17.03 -2.67 -7.50
CA HIS A 121 17.09 -3.07 -8.89
C HIS A 121 18.19 -2.28 -9.60
N MET A 122 18.22 -0.96 -9.36
CA MET A 122 19.23 -0.10 -9.95
C MET A 122 20.63 -0.53 -9.49
N ASN A 123 20.79 -0.80 -8.20
CA ASN A 123 22.07 -1.22 -7.66
C ASN A 123 22.50 -2.57 -8.23
N ARG A 124 21.55 -3.48 -8.53
CA ARG A 124 21.86 -4.76 -9.17
C ARG A 124 22.42 -4.51 -10.57
N HIS A 125 21.86 -3.50 -11.26
CA HIS A 125 22.37 -3.08 -12.56
C HIS A 125 23.79 -2.52 -12.44
N LEU A 126 24.01 -1.65 -11.45
CA LEU A 126 25.28 -0.96 -11.30
C LEU A 126 26.36 -1.86 -10.74
N MET A 127 26.01 -2.77 -9.82
CA MET A 127 26.99 -3.60 -9.14
C MET A 127 26.38 -4.98 -8.87
N PRO A 128 26.42 -5.91 -9.86
CA PRO A 128 25.74 -7.20 -9.72
C PRO A 128 26.18 -8.04 -8.52
N GLU A 129 27.39 -7.79 -8.01
CA GLU A 129 28.00 -8.59 -6.96
C GLU A 129 27.66 -8.05 -5.57
N LEU A 130 26.90 -6.94 -5.51
CA LEU A 130 26.42 -6.38 -4.26
C LEU A 130 25.04 -6.95 -3.93
N GLU A 131 24.92 -7.59 -2.76
CA GLU A 131 23.65 -8.16 -2.30
C GLU A 131 22.97 -7.21 -1.31
N SER A 132 21.72 -6.82 -1.61
CA SER A 132 20.92 -6.00 -0.72
C SER A 132 20.18 -6.90 0.25
N VAL A 133 20.20 -6.54 1.53
CA VAL A 133 19.60 -7.30 2.62
C VAL A 133 18.76 -6.35 3.48
N PHE A 134 17.57 -6.81 3.89
CA PHE A 134 16.60 -5.98 4.58
C PHE A 134 16.31 -6.54 5.96
N LEU A 135 16.35 -5.66 6.98
CA LEU A 135 16.02 -5.95 8.37
C LEU A 135 14.83 -5.10 8.80
N MET A 136 13.94 -5.69 9.57
CA MET A 136 12.83 -4.93 10.14
C MET A 136 13.24 -4.42 11.51
N PRO A 137 12.77 -3.22 11.90
CA PRO A 137 13.11 -2.65 13.21
C PRO A 137 12.41 -3.40 14.34
N SER A 138 13.04 -3.40 15.53
CA SER A 138 12.38 -3.84 16.75
C SER A 138 11.07 -3.08 16.92
N LYS A 139 10.10 -3.74 17.56
CA LYS A 139 8.82 -3.13 17.88
C LYS A 139 9.01 -1.83 18.66
N GLU A 140 10.01 -1.82 19.55
CA GLU A 140 10.34 -0.69 20.40
C GLU A 140 10.61 0.58 19.56
N TRP A 141 11.25 0.43 18.39
CA TRP A 141 11.74 1.55 17.61
C TRP A 141 10.97 1.75 16.31
N SER A 142 9.81 1.10 16.17
CA SER A 142 9.13 0.99 14.89
C SER A 142 8.54 2.32 14.42
N PHE A 143 8.30 3.28 15.34
CA PHE A 143 7.67 4.54 14.95
C PHE A 143 8.67 5.70 14.89
N ILE A 144 9.91 5.53 15.40
CA ILE A 144 10.83 6.64 15.48
C ILE A 144 11.60 6.78 14.16
N SER A 145 11.91 8.04 13.83
CA SER A 145 12.81 8.42 12.77
C SER A 145 13.63 9.62 13.23
N SER A 146 14.77 9.88 12.59
CA SER A 146 15.52 11.08 12.84
C SER A 146 14.61 12.31 12.76
N SER A 147 13.83 12.37 11.67
CA SER A 147 12.95 13.50 11.38
C SER A 147 11.94 13.75 12.50
N LEU A 148 11.32 12.68 13.01
CA LEU A 148 10.29 12.82 14.03
C LEU A 148 10.90 13.23 15.36
N VAL A 149 12.05 12.65 15.72
CA VAL A 149 12.73 12.98 16.96
C VAL A 149 13.12 14.46 16.99
N LYS A 150 13.57 15.02 15.85
CA LYS A 150 13.98 16.42 15.79
C LYS A 150 12.78 17.34 15.98
N GLU A 151 11.66 17.04 15.30
CA GLU A 151 10.46 17.86 15.34
C GLU A 151 9.89 17.84 16.77
N VAL A 152 9.90 16.69 17.43
CA VAL A 152 9.46 16.59 18.82
C VAL A 152 10.36 17.45 19.71
N ALA A 153 11.68 17.34 19.55
CA ALA A 153 12.65 18.02 20.40
C ALA A 153 12.59 19.54 20.19
N ARG A 154 12.29 19.97 18.96
CA ARG A 154 12.24 21.38 18.59
C ARG A 154 11.11 22.09 19.36
N HIS A 155 10.10 21.32 19.79
CA HIS A 155 8.99 21.84 20.56
C HIS A 155 8.99 21.22 21.96
N ALA A 156 10.20 20.90 22.46
CA ALA A 156 10.44 20.64 23.88
C ALA A 156 9.88 19.29 24.36
N GLY A 157 9.41 18.42 23.45
CA GLY A 157 9.01 17.08 23.83
C GLY A 157 10.21 16.25 24.31
N ASP A 158 9.95 15.31 25.22
CA ASP A 158 10.96 14.41 25.78
C ASP A 158 11.33 13.33 24.75
N VAL A 159 12.63 13.28 24.40
CA VAL A 159 13.12 12.31 23.43
C VAL A 159 14.30 11.50 24.00
N THR A 160 14.41 11.44 25.33
CA THR A 160 15.57 10.83 25.98
C THR A 160 15.58 9.32 25.74
N HIS A 161 14.38 8.72 25.60
CA HIS A 161 14.21 7.29 25.40
C HIS A 161 14.68 6.84 24.00
N PHE A 162 14.76 7.79 23.05
CA PHE A 162 14.95 7.47 21.64
C PHE A 162 16.39 7.63 21.16
N LEU A 163 17.25 8.32 21.94
CA LEU A 163 18.61 8.68 21.51
C LEU A 163 19.63 8.20 22.53
N PRO A 164 20.90 7.91 22.13
CA PRO A 164 21.99 7.72 23.10
C PRO A 164 22.35 9.06 23.74
N ALA A 165 22.99 9.02 24.91
CA ALA A 165 23.26 10.22 25.70
C ALA A 165 24.06 11.25 24.90
N ASN A 166 25.13 10.82 24.22
CA ASN A 166 25.98 11.72 23.46
C ASN A 166 25.14 12.50 22.44
N VAL A 167 24.22 11.80 21.76
CA VAL A 167 23.42 12.41 20.71
C VAL A 167 22.37 13.35 21.34
N HIS A 168 21.77 12.91 22.45
CA HIS A 168 20.77 13.71 23.13
C HIS A 168 21.34 15.07 23.52
N GLN A 169 22.56 15.06 24.08
CA GLN A 169 23.24 16.25 24.56
C GLN A 169 23.49 17.19 23.38
N ALA A 170 24.05 16.66 22.28
CA ALA A 170 24.36 17.45 21.10
C ALA A 170 23.10 18.09 20.53
N LEU A 171 21.97 17.38 20.56
CA LEU A 171 20.73 17.89 20.00
C LEU A 171 20.19 19.05 20.83
N MET A 172 20.16 18.87 22.17
CA MET A 172 19.72 19.92 23.07
C MET A 172 20.57 21.18 22.82
N GLU A 173 21.89 20.98 22.62
CA GLU A 173 22.82 22.07 22.37
C GLU A 173 22.46 22.81 21.08
N LYS A 174 22.07 22.06 20.02
CA LYS A 174 21.72 22.67 18.75
C LYS A 174 20.48 23.55 18.86
N LEU A 175 19.59 23.25 19.81
CA LEU A 175 18.29 23.92 19.93
C LEU A 175 18.29 24.97 21.05
N LYS A 176 19.47 25.54 21.34
CA LYS A 176 19.65 26.54 22.39
C LYS A 176 20.55 27.68 21.86
N GLY B 1 38.89 -13.95 24.46
CA GLY B 1 40.26 -13.47 24.17
C GLY B 1 41.15 -14.58 23.63
N SER B 2 41.29 -15.66 24.40
CA SER B 2 42.07 -16.84 24.01
C SER B 2 41.47 -18.07 24.70
N HIS B 3 42.11 -18.53 25.79
CA HIS B 3 41.59 -19.64 26.58
C HIS B 3 40.57 -19.16 27.61
N MET B 4 39.57 -18.37 27.18
CA MET B 4 38.65 -17.75 28.12
C MET B 4 37.45 -18.64 28.43
N ALA B 5 37.43 -19.87 27.89
CA ALA B 5 36.34 -20.79 28.16
C ALA B 5 36.16 -21.03 29.67
N SER B 6 37.28 -21.06 30.41
CA SER B 6 37.30 -21.25 31.85
C SER B 6 36.53 -20.13 32.56
N MET B 7 36.45 -18.96 31.90
CA MET B 7 35.79 -17.76 32.40
C MET B 7 34.41 -17.57 31.78
N THR B 8 34.26 -17.72 30.46
CA THR B 8 32.98 -17.44 29.82
C THR B 8 32.80 -18.28 28.55
N GLY B 9 31.52 -18.63 28.27
CA GLY B 9 31.12 -19.28 27.03
C GLY B 9 30.88 -18.30 25.89
N GLY B 10 30.58 -17.02 26.20
CA GLY B 10 30.40 -15.96 25.22
C GLY B 10 28.93 -15.63 24.92
N GLN B 11 28.66 -14.33 24.64
CA GLN B 11 27.34 -13.84 24.27
C GLN B 11 27.27 -13.69 22.75
N GLN B 12 26.03 -13.63 22.23
CA GLN B 12 25.76 -13.54 20.79
C GLN B 12 26.01 -12.11 20.27
N MET B 13 25.63 -11.09 21.07
CA MET B 13 25.61 -9.70 20.63
C MET B 13 26.75 -8.89 21.28
N GLY B 14 27.26 -7.89 20.54
CA GLY B 14 28.23 -6.92 21.04
C GLY B 14 29.69 -7.32 20.80
N ARG B 15 29.94 -8.52 20.25
CA ARG B 15 31.24 -9.17 20.37
C ARG B 15 31.77 -9.66 19.02
N GLY B 16 31.32 -9.04 17.92
CA GLY B 16 31.77 -9.40 16.58
C GLY B 16 30.87 -10.45 15.93
N SER B 17 31.39 -11.09 14.86
CA SER B 17 30.66 -12.04 14.02
C SER B 17 30.64 -13.44 14.65
N MET B 18 29.45 -14.07 14.57
CA MET B 18 29.19 -15.38 15.12
C MET B 18 28.90 -16.36 13.98
N SER B 19 28.99 -17.66 14.25
CA SER B 19 28.54 -18.69 13.31
C SER B 19 27.07 -18.45 12.96
N THR B 20 26.71 -18.50 11.66
CA THR B 20 25.33 -18.28 11.24
C THR B 20 24.76 -19.56 10.62
N LYS B 21 23.56 -19.92 11.07
CA LYS B 21 22.80 -21.01 10.48
C LYS B 21 21.38 -20.51 10.21
N ALA B 22 20.97 -20.56 8.94
CA ALA B 22 19.71 -19.99 8.48
C ALA B 22 18.71 -21.06 8.07
N ILE B 23 17.42 -20.82 8.38
CA ILE B 23 16.32 -21.62 7.85
C ILE B 23 15.56 -20.76 6.82
N TYR B 24 15.23 -21.43 5.69
CA TYR B 24 14.37 -20.86 4.66
C TYR B 24 13.13 -21.74 4.52
N PRO B 25 12.04 -21.45 5.27
CA PRO B 25 10.83 -22.25 5.23
C PRO B 25 9.83 -21.88 4.14
N GLY B 26 9.07 -22.90 3.70
CA GLY B 26 8.02 -22.74 2.70
C GLY B 26 7.38 -24.08 2.37
N THR B 27 6.42 -24.09 1.42
CA THR B 27 5.81 -25.32 0.94
C THR B 27 6.58 -25.86 -0.27
N PHE B 28 7.18 -24.99 -1.08
CA PHE B 28 8.01 -25.38 -2.20
C PHE B 28 7.33 -26.48 -3.02
N ASP B 29 6.15 -26.13 -3.58
CA ASP B 29 5.28 -27.09 -4.22
C ASP B 29 5.00 -26.66 -5.67
N PRO B 30 5.96 -26.79 -6.62
CA PRO B 30 7.34 -27.17 -6.33
C PRO B 30 8.29 -25.97 -6.25
N ILE B 31 9.57 -26.24 -5.97
CA ILE B 31 10.58 -25.21 -5.95
C ILE B 31 10.72 -24.60 -7.36
N THR B 32 10.84 -23.26 -7.44
CA THR B 32 10.99 -22.53 -8.69
C THR B 32 12.36 -21.85 -8.71
N ASN B 33 12.68 -21.25 -9.87
CA ASN B 33 13.94 -20.53 -10.05
C ASN B 33 14.02 -19.36 -9.06
N GLY B 34 12.86 -18.80 -8.68
CA GLY B 34 12.80 -17.72 -7.72
C GLY B 34 13.30 -18.16 -6.34
N HIS B 35 12.83 -19.33 -5.90
CA HIS B 35 13.29 -19.92 -4.65
C HIS B 35 14.79 -20.19 -4.69
N ILE B 36 15.26 -20.75 -5.81
CA ILE B 36 16.66 -21.14 -5.97
C ILE B 36 17.53 -19.88 -5.89
N ASP B 37 17.05 -18.77 -6.46
CA ASP B 37 17.77 -17.51 -6.45
C ASP B 37 17.92 -17.02 -5.01
N ILE B 38 16.81 -17.04 -4.24
CA ILE B 38 16.82 -16.58 -2.86
C ILE B 38 17.81 -17.41 -2.03
N ILE B 39 17.73 -18.74 -2.11
CA ILE B 39 18.56 -19.59 -1.27
C ILE B 39 20.03 -19.50 -1.71
N THR B 40 20.30 -19.28 -3.00
CA THR B 40 21.67 -19.14 -3.51
C THR B 40 22.31 -17.91 -2.89
N ARG B 41 21.56 -16.80 -2.87
CA ARG B 41 22.02 -15.54 -2.32
C ARG B 41 22.24 -15.68 -0.81
N ALA B 42 21.34 -16.41 -0.13
CA ALA B 42 21.44 -16.61 1.30
C ALA B 42 22.66 -17.46 1.66
N ALA B 43 22.92 -18.51 0.86
CA ALA B 43 24.02 -19.43 1.08
C ALA B 43 25.38 -18.76 0.86
N SER B 44 25.41 -17.63 0.12
CA SER B 44 26.64 -16.89 -0.11
C SER B 44 26.99 -15.95 1.05
N MET B 45 26.04 -15.69 1.96
CA MET B 45 26.26 -14.74 3.03
C MET B 45 26.17 -15.37 4.43
N PHE B 46 25.65 -16.61 4.54
CA PHE B 46 25.53 -17.29 5.83
C PHE B 46 26.24 -18.65 5.76
N ASP B 47 26.67 -19.16 6.92
CA ASP B 47 27.56 -20.32 6.96
C ASP B 47 26.83 -21.55 6.44
N ARG B 48 25.63 -21.80 6.96
CA ARG B 48 24.81 -22.95 6.58
C ARG B 48 23.35 -22.50 6.40
N VAL B 49 22.64 -23.14 5.46
CA VAL B 49 21.23 -22.85 5.17
C VAL B 49 20.45 -24.17 5.09
N ILE B 50 19.31 -24.23 5.78
CA ILE B 50 18.36 -25.33 5.63
C ILE B 50 17.13 -24.83 4.87
N LEU B 51 16.84 -25.45 3.73
CA LEU B 51 15.55 -25.30 3.08
C LEU B 51 14.54 -26.17 3.84
N ALA B 52 13.62 -25.53 4.58
CA ALA B 52 12.68 -26.25 5.41
C ALA B 52 11.32 -26.37 4.70
N ILE B 53 10.91 -27.59 4.35
CA ILE B 53 9.71 -27.84 3.55
C ILE B 53 8.56 -28.31 4.45
N ALA B 54 7.46 -27.56 4.47
CA ALA B 54 6.33 -27.85 5.36
C ALA B 54 5.65 -29.16 4.98
N ALA B 55 5.49 -30.06 5.95
CA ALA B 55 4.99 -31.41 5.71
C ALA B 55 3.50 -31.40 5.36
N SER B 56 2.70 -30.73 6.19
CA SER B 56 1.25 -30.74 6.08
C SER B 56 0.72 -29.32 5.92
N PRO B 57 0.88 -28.67 4.72
CA PRO B 57 0.33 -27.34 4.48
C PRO B 57 -1.20 -27.35 4.55
N SER B 58 -1.76 -26.13 4.68
CA SER B 58 -3.19 -25.94 4.84
C SER B 58 -3.96 -26.48 3.64
N LYS B 59 -3.59 -26.02 2.44
CA LYS B 59 -4.11 -26.54 1.19
C LYS B 59 -3.28 -27.75 0.76
N LYS B 60 -3.97 -28.81 0.27
CA LYS B 60 -3.30 -30.04 -0.14
C LYS B 60 -2.35 -29.72 -1.29
N PRO B 61 -1.03 -30.02 -1.17
CA PRO B 61 -0.09 -29.71 -2.25
C PRO B 61 -0.16 -30.71 -3.40
N MET B 62 0.30 -30.27 -4.57
CA MET B 62 0.33 -31.09 -5.77
C MET B 62 1.37 -32.21 -5.64
N PHE B 63 2.52 -31.88 -5.03
CA PHE B 63 3.57 -32.84 -4.70
C PHE B 63 3.56 -33.15 -3.20
N ASP B 64 3.76 -34.42 -2.84
CA ASP B 64 3.84 -34.82 -1.44
C ASP B 64 5.22 -34.43 -0.87
N LEU B 65 5.37 -34.51 0.45
CA LEU B 65 6.61 -34.08 1.10
C LEU B 65 7.82 -34.77 0.50
N GLU B 66 7.72 -36.10 0.28
CA GLU B 66 8.83 -36.89 -0.21
C GLU B 66 9.27 -36.37 -1.57
N GLU B 67 8.30 -36.07 -2.45
CA GLU B 67 8.56 -35.58 -3.80
C GLU B 67 9.19 -34.18 -3.74
N ARG B 68 8.65 -33.33 -2.85
CA ARG B 68 9.13 -31.95 -2.72
C ARG B 68 10.58 -31.94 -2.24
N VAL B 69 10.89 -32.75 -1.22
CA VAL B 69 12.23 -32.84 -0.67
C VAL B 69 13.21 -33.35 -1.73
N ALA B 70 12.79 -34.36 -2.51
CA ALA B 70 13.64 -34.96 -3.51
C ALA B 70 13.98 -33.99 -4.64
N LEU B 71 12.96 -33.27 -5.14
CA LEU B 71 13.12 -32.32 -6.22
C LEU B 71 14.04 -31.16 -5.81
N ALA B 72 13.88 -30.67 -4.57
CA ALA B 72 14.67 -29.57 -4.05
C ALA B 72 16.12 -29.99 -3.81
N THR B 73 16.33 -31.21 -3.28
CA THR B 73 17.65 -31.76 -3.04
C THR B 73 18.46 -31.76 -4.35
N THR B 74 17.86 -32.25 -5.45
CA THR B 74 18.52 -32.31 -6.75
C THR B 74 18.82 -30.90 -7.27
N ALA B 75 17.84 -29.99 -7.14
CA ALA B 75 17.96 -28.65 -7.70
C ALA B 75 19.06 -27.84 -7.01
N LEU B 76 19.35 -28.17 -5.74
CA LEU B 76 20.26 -27.41 -4.88
C LEU B 76 21.54 -28.19 -4.58
N GLN B 77 21.77 -29.30 -5.29
CA GLN B 77 22.89 -30.18 -5.05
C GLN B 77 24.22 -29.43 -5.18
N HIS B 78 24.26 -28.41 -6.05
CA HIS B 78 25.46 -27.67 -6.39
C HIS B 78 25.89 -26.67 -5.30
N LEU B 79 25.05 -26.48 -4.28
CA LEU B 79 25.37 -25.58 -3.17
C LEU B 79 25.88 -26.41 -2.00
N PRO B 80 27.20 -26.32 -1.65
CA PRO B 80 27.77 -27.23 -0.65
C PRO B 80 27.24 -27.06 0.77
N ASN B 81 26.75 -25.85 1.11
CA ASN B 81 26.39 -25.52 2.48
C ASN B 81 24.88 -25.44 2.68
N VAL B 82 24.11 -26.15 1.83
CA VAL B 82 22.66 -26.17 1.91
C VAL B 82 22.17 -27.61 2.13
N GLU B 83 21.21 -27.75 3.06
CA GLU B 83 20.54 -29.02 3.35
C GLU B 83 19.02 -28.82 3.21
N VAL B 84 18.34 -29.83 2.66
CA VAL B 84 16.89 -29.82 2.48
C VAL B 84 16.27 -30.79 3.50
N MET B 85 15.24 -30.31 4.23
CA MET B 85 14.56 -31.09 5.27
C MET B 85 13.06 -30.78 5.29
N GLY B 86 12.24 -31.78 5.63
CA GLY B 86 10.84 -31.55 5.97
C GLY B 86 10.67 -31.16 7.44
N PHE B 87 9.55 -30.50 7.76
CA PHE B 87 9.22 -30.12 9.13
C PHE B 87 7.71 -30.03 9.29
N SER B 88 7.22 -30.22 10.53
CA SER B 88 5.81 -30.18 10.84
C SER B 88 5.54 -29.45 12.16
N ASP B 89 6.06 -28.22 12.28
CA ASP B 89 5.82 -27.43 13.48
C ASP B 89 5.79 -25.95 13.12
N LEU B 90 5.78 -25.06 14.11
CA LEU B 90 6.08 -23.65 13.89
C LEU B 90 7.52 -23.52 13.39
N MET B 91 7.73 -22.68 12.36
CA MET B 91 9.08 -22.34 11.92
C MET B 91 9.98 -21.97 13.11
N ALA B 92 9.44 -21.36 14.17
CA ALA B 92 10.22 -20.97 15.33
C ALA B 92 10.71 -22.18 16.11
N ASN B 93 9.88 -23.24 16.18
CA ASN B 93 10.20 -24.43 16.95
C ASN B 93 11.21 -25.29 16.19
N PHE B 94 11.03 -25.39 14.87
CA PHE B 94 11.98 -26.08 14.00
C PHE B 94 13.34 -25.39 14.11
N ALA B 95 13.36 -24.05 14.05
CA ALA B 95 14.59 -23.30 14.15
C ALA B 95 15.27 -23.57 15.50
N ARG B 96 14.49 -23.60 16.57
CA ARG B 96 15.05 -23.89 17.91
C ARG B 96 15.63 -25.30 17.89
N ALA B 97 14.87 -26.26 17.40
CA ALA B 97 15.32 -27.66 17.33
C ALA B 97 16.62 -27.79 16.53
N GLN B 98 16.76 -26.99 15.47
CA GLN B 98 17.89 -27.04 14.56
C GLN B 98 19.01 -26.09 14.97
N GLN B 99 18.83 -25.38 16.10
CA GLN B 99 19.82 -24.44 16.62
C GLN B 99 20.19 -23.40 15.56
N ALA B 100 19.17 -22.90 14.85
CA ALA B 100 19.34 -21.88 13.82
C ALA B 100 19.09 -20.50 14.43
N ASN B 101 19.81 -19.47 13.93
CA ASN B 101 19.74 -18.13 14.48
C ASN B 101 19.28 -17.13 13.41
N ILE B 102 19.04 -17.60 12.19
CA ILE B 102 18.57 -16.73 11.11
C ILE B 102 17.38 -17.37 10.40
N LEU B 103 16.35 -16.55 10.17
CA LEU B 103 15.17 -16.93 9.39
C LEU B 103 15.16 -16.10 8.10
N ILE B 104 15.19 -16.80 6.95
CA ILE B 104 15.15 -16.16 5.64
C ILE B 104 13.71 -16.06 5.15
N ARG B 105 13.30 -14.86 4.73
CA ARG B 105 11.97 -14.60 4.19
C ARG B 105 12.09 -13.85 2.86
N GLY B 106 11.40 -14.34 1.83
CA GLY B 106 11.36 -13.64 0.55
C GLY B 106 10.30 -12.54 0.59
N LEU B 107 10.59 -11.39 -0.03
CA LEU B 107 9.72 -10.23 0.03
C LEU B 107 9.40 -9.76 -1.38
N ARG B 108 8.25 -10.22 -1.91
CA ARG B 108 7.91 -10.12 -3.33
C ARG B 108 7.07 -8.87 -3.59
N ALA B 109 6.00 -8.68 -2.78
CA ALA B 109 5.03 -7.62 -3.04
C ALA B 109 4.78 -6.75 -1.79
N VAL B 110 4.33 -5.51 -2.06
CA VAL B 110 3.93 -4.55 -1.04
C VAL B 110 2.83 -5.11 -0.14
N ALA B 111 1.90 -5.85 -0.74
CA ALA B 111 0.77 -6.45 -0.03
C ALA B 111 1.25 -7.35 1.12
N ASP B 112 2.38 -8.05 0.90
CA ASP B 112 2.92 -9.01 1.83
C ASP B 112 3.73 -8.35 2.95
N PHE B 113 4.10 -7.07 2.84
CA PHE B 113 5.04 -6.44 3.76
C PHE B 113 4.45 -6.36 5.18
N GLU B 114 3.18 -5.98 5.26
CA GLU B 114 2.47 -5.86 6.53
C GLU B 114 2.45 -7.20 7.27
N TYR B 115 2.12 -8.27 6.54
CA TYR B 115 1.98 -9.60 7.10
C TYR B 115 3.36 -10.07 7.57
N GLU B 116 4.42 -9.79 6.78
CA GLU B 116 5.77 -10.24 7.11
C GLU B 116 6.27 -9.54 8.38
N MET B 117 5.92 -8.25 8.53
CA MET B 117 6.32 -7.50 9.71
C MET B 117 5.65 -8.07 10.97
N GLN B 118 4.38 -8.51 10.83
CA GLN B 118 3.61 -9.09 11.91
C GLN B 118 4.23 -10.43 12.34
N LEU B 119 4.55 -11.29 11.37
CA LEU B 119 5.15 -12.60 11.63
C LEU B 119 6.52 -12.42 12.31
N ALA B 120 7.28 -11.40 11.90
CA ALA B 120 8.60 -11.18 12.47
C ALA B 120 8.50 -10.80 13.95
N HIS B 121 7.47 -10.01 14.30
CA HIS B 121 7.23 -9.63 15.67
C HIS B 121 6.86 -10.85 16.50
N MET B 122 5.96 -11.69 15.96
N MET B 122 5.96 -11.70 15.97
CA MET B 122 5.55 -12.91 16.64
CA MET B 122 5.54 -12.92 16.64
C MET B 122 6.75 -13.83 16.84
C MET B 122 6.75 -13.83 16.84
N ASN B 123 7.59 -13.99 15.81
CA ASN B 123 8.73 -14.88 15.92
C ASN B 123 9.74 -14.34 16.96
N ARG B 124 9.88 -13.00 17.07
CA ARG B 124 10.74 -12.40 18.08
C ARG B 124 10.20 -12.71 19.48
N HIS B 125 8.88 -12.74 19.62
CA HIS B 125 8.24 -13.12 20.88
C HIS B 125 8.52 -14.58 21.20
N LEU B 126 8.39 -15.47 20.20
CA LEU B 126 8.54 -16.90 20.41
C LEU B 126 10.00 -17.30 20.61
N MET B 127 10.91 -16.66 19.86
CA MET B 127 12.31 -17.05 19.86
C MET B 127 13.17 -15.81 19.72
N PRO B 128 13.48 -15.09 20.82
CA PRO B 128 14.16 -13.79 20.75
C PRO B 128 15.51 -13.81 20.05
N GLU B 129 16.16 -14.98 20.00
CA GLU B 129 17.51 -15.13 19.48
C GLU B 129 17.49 -15.44 17.97
N LEU B 130 16.28 -15.58 17.38
CA LEU B 130 16.11 -15.78 15.95
C LEU B 130 15.94 -14.42 15.26
N GLU B 131 16.84 -14.13 14.31
CA GLU B 131 16.82 -12.89 13.54
C GLU B 131 16.20 -13.17 12.17
N SER B 132 15.15 -12.40 11.82
CA SER B 132 14.52 -12.48 10.51
C SER B 132 15.26 -11.56 9.54
N VAL B 133 15.53 -12.09 8.34
CA VAL B 133 16.28 -11.40 7.30
C VAL B 133 15.50 -11.50 5.98
N PHE B 134 15.38 -10.37 5.27
CA PHE B 134 14.45 -10.26 4.15
C PHE B 134 15.22 -9.94 2.86
N LEU B 135 14.96 -10.77 1.84
CA LEU B 135 15.59 -10.67 0.54
C LEU B 135 14.49 -10.44 -0.50
N MET B 136 14.71 -9.47 -1.40
CA MET B 136 13.82 -9.22 -2.52
C MET B 136 14.22 -10.10 -3.69
N PRO B 137 13.24 -10.58 -4.48
CA PRO B 137 13.56 -11.45 -5.62
C PRO B 137 14.21 -10.64 -6.74
N SER B 138 15.06 -11.32 -7.53
CA SER B 138 15.56 -10.75 -8.78
C SER B 138 14.37 -10.28 -9.63
N LYS B 139 14.61 -9.25 -10.45
CA LYS B 139 13.62 -8.73 -11.38
C LYS B 139 13.06 -9.85 -12.25
N GLU B 140 13.95 -10.76 -12.67
CA GLU B 140 13.65 -11.89 -13.53
C GLU B 140 12.53 -12.74 -12.95
N TRP B 141 12.48 -12.91 -11.61
CA TRP B 141 11.60 -13.87 -10.97
C TRP B 141 10.51 -13.18 -10.15
N SER B 142 10.32 -11.86 -10.34
CA SER B 142 9.53 -11.07 -9.41
C SER B 142 8.03 -11.38 -9.50
N PHE B 143 7.57 -11.93 -10.63
CA PHE B 143 6.15 -12.16 -10.85
C PHE B 143 5.78 -13.63 -10.71
N ILE B 144 6.76 -14.55 -10.63
CA ILE B 144 6.45 -15.98 -10.58
C ILE B 144 6.16 -16.40 -9.14
N SER B 145 5.26 -17.38 -9.03
CA SER B 145 5.02 -18.15 -7.83
C SER B 145 4.78 -19.61 -8.23
N SER B 146 4.95 -20.54 -7.28
CA SER B 146 4.59 -21.93 -7.53
C SER B 146 3.16 -22.01 -8.07
N SER B 147 2.23 -21.30 -7.42
CA SER B 147 0.83 -21.33 -7.77
C SER B 147 0.57 -20.90 -9.21
N LEU B 148 1.22 -19.80 -9.65
CA LEU B 148 0.98 -19.28 -10.98
C LEU B 148 1.60 -20.21 -12.04
N VAL B 149 2.80 -20.74 -11.77
CA VAL B 149 3.46 -21.66 -12.69
C VAL B 149 2.62 -22.91 -12.92
N LYS B 150 1.98 -23.45 -11.87
CA LYS B 150 1.15 -24.65 -11.98
C LYS B 150 -0.08 -24.37 -12.85
N GLU B 151 -0.74 -23.24 -12.59
CA GLU B 151 -1.96 -22.90 -13.30
C GLU B 151 -1.68 -22.65 -14.77
N VAL B 152 -0.55 -22.02 -15.08
CA VAL B 152 -0.13 -21.81 -16.47
C VAL B 152 0.13 -23.16 -17.14
N ALA B 153 0.85 -24.06 -16.44
CA ALA B 153 1.24 -25.35 -16.99
C ALA B 153 0.02 -26.25 -17.20
N ARG B 154 -1.00 -26.11 -16.34
CA ARG B 154 -2.22 -26.90 -16.42
C ARG B 154 -2.95 -26.64 -17.74
N HIS B 155 -2.73 -25.46 -18.33
CA HIS B 155 -3.33 -25.09 -19.60
C HIS B 155 -2.24 -24.94 -20.66
N ALA B 156 -1.14 -25.68 -20.51
CA ALA B 156 -0.16 -25.89 -21.57
C ALA B 156 0.69 -24.66 -21.89
N GLY B 157 0.61 -23.60 -21.07
CA GLY B 157 1.50 -22.46 -21.20
C GLY B 157 2.96 -22.85 -20.93
N ASP B 158 3.90 -22.15 -21.60
CA ASP B 158 5.32 -22.46 -21.50
C ASP B 158 5.87 -21.92 -20.17
N VAL B 159 6.40 -22.83 -19.33
CA VAL B 159 6.97 -22.47 -18.04
C VAL B 159 8.40 -23.01 -17.90
N THR B 160 9.07 -23.31 -19.03
CA THR B 160 10.38 -23.94 -19.00
C THR B 160 11.41 -22.97 -18.43
N HIS B 161 11.21 -21.66 -18.65
CA HIS B 161 12.11 -20.60 -18.20
C HIS B 161 12.08 -20.43 -16.67
N PHE B 162 11.02 -20.91 -16.02
CA PHE B 162 10.75 -20.61 -14.61
C PHE B 162 11.16 -21.75 -13.66
N LEU B 163 11.42 -22.96 -14.18
CA LEU B 163 11.67 -24.14 -13.35
C LEU B 163 13.01 -24.78 -13.75
N PRO B 164 13.71 -25.50 -12.83
CA PRO B 164 14.82 -26.37 -13.23
C PRO B 164 14.29 -27.59 -13.95
N ALA B 165 15.14 -28.25 -14.75
CA ALA B 165 14.72 -29.33 -15.63
C ALA B 165 14.03 -30.45 -14.85
N ASN B 166 14.64 -30.87 -13.72
CA ASN B 166 14.11 -31.96 -12.92
C ASN B 166 12.67 -31.66 -12.50
N VAL B 167 12.42 -30.42 -12.10
CA VAL B 167 11.10 -30.02 -11.61
C VAL B 167 10.12 -29.92 -12.78
N HIS B 168 10.59 -29.39 -13.92
CA HIS B 168 9.72 -29.22 -15.07
C HIS B 168 9.20 -30.58 -15.53
N GLN B 169 10.08 -31.58 -15.57
CA GLN B 169 9.75 -32.94 -16.00
C GLN B 169 8.69 -33.53 -15.05
N ALA B 170 8.93 -33.43 -13.73
CA ALA B 170 8.04 -33.95 -12.72
C ALA B 170 6.65 -33.31 -12.85
N LEU B 171 6.61 -32.01 -13.16
CA LEU B 171 5.36 -31.27 -13.24
C LEU B 171 4.55 -31.73 -14.45
N MET B 172 5.20 -31.83 -15.61
CA MET B 172 4.55 -32.32 -16.82
C MET B 172 3.93 -33.68 -16.54
N GLU B 173 4.67 -34.54 -15.82
CA GLU B 173 4.23 -35.88 -15.47
C GLU B 173 2.96 -35.80 -14.61
N LYS B 174 2.90 -34.86 -13.66
CA LYS B 174 1.74 -34.70 -12.79
C LYS B 174 0.48 -34.31 -13.56
N LEU B 175 0.63 -33.63 -14.70
CA LEU B 175 -0.48 -33.03 -15.43
C LEU B 175 -0.87 -33.81 -16.68
N LYS B 176 -0.38 -35.04 -16.85
CA LYS B 176 -0.85 -35.98 -17.86
C LYS B 176 0.04 -35.88 -19.11
N MET C 18 -5.49 0.85 -36.87
CA MET C 18 -6.79 0.33 -37.39
C MET C 18 -7.46 -0.50 -36.30
N SER C 19 -8.00 -1.68 -36.65
CA SER C 19 -8.97 -2.38 -35.83
C SER C 19 -8.38 -2.73 -34.46
N THR C 20 -9.15 -2.42 -33.40
CA THR C 20 -8.86 -2.85 -32.03
C THR C 20 -9.95 -3.80 -31.56
N LYS C 21 -9.56 -4.90 -30.89
CA LYS C 21 -10.51 -5.81 -30.28
C LYS C 21 -10.04 -6.16 -28.87
N ALA C 22 -10.89 -5.87 -27.88
CA ALA C 22 -10.54 -6.02 -26.47
C ALA C 22 -11.33 -7.15 -25.80
N ILE C 23 -10.67 -7.82 -24.84
CA ILE C 23 -11.28 -8.80 -23.95
C ILE C 23 -11.36 -8.18 -22.54
N TYR C 24 -12.51 -8.32 -21.87
CA TYR C 24 -12.71 -7.94 -20.49
C TYR C 24 -13.07 -9.18 -19.67
N PRO C 25 -12.06 -9.89 -19.11
CA PRO C 25 -12.31 -11.13 -18.36
C PRO C 25 -12.66 -10.96 -16.88
N GLY C 26 -13.43 -11.91 -16.34
CA GLY C 26 -13.82 -11.94 -14.95
C GLY C 26 -14.75 -13.12 -14.66
N THR C 27 -15.21 -13.22 -13.40
CA THR C 27 -16.18 -14.23 -13.00
C THR C 27 -17.61 -13.69 -13.15
N PHE C 28 -17.80 -12.38 -12.96
CA PHE C 28 -19.09 -11.72 -13.15
C PHE C 28 -20.21 -12.54 -12.51
N ASP C 29 -20.14 -12.69 -11.18
CA ASP C 29 -21.01 -13.59 -10.43
C ASP C 29 -21.76 -12.82 -9.35
N PRO C 30 -22.78 -11.99 -9.68
CA PRO C 30 -23.12 -11.62 -11.05
C PRO C 30 -22.55 -10.27 -11.48
N ILE C 31 -22.81 -9.88 -12.74
CA ILE C 31 -22.44 -8.58 -13.26
C ILE C 31 -23.16 -7.47 -12.47
N THR C 32 -22.42 -6.39 -12.14
CA THR C 32 -22.93 -5.24 -11.41
C THR C 32 -22.88 -3.99 -12.31
N ASN C 33 -23.44 -2.89 -11.79
CA ASN C 33 -23.42 -1.60 -12.47
C ASN C 33 -21.99 -1.13 -12.72
N GLY C 34 -21.07 -1.53 -11.82
CA GLY C 34 -19.67 -1.18 -11.93
C GLY C 34 -19.03 -1.83 -13.16
N HIS C 35 -19.32 -3.11 -13.37
CA HIS C 35 -18.86 -3.83 -14.55
C HIS C 35 -19.42 -3.18 -15.81
N ILE C 36 -20.71 -2.83 -15.79
CA ILE C 36 -21.38 -2.29 -16.95
C ILE C 36 -20.76 -0.94 -17.32
N ASP C 37 -20.37 -0.16 -16.30
CA ASP C 37 -19.73 1.13 -16.51
C ASP C 37 -18.38 0.94 -17.19
N ILE C 38 -17.56 -0.02 -16.71
CA ILE C 38 -16.25 -0.30 -17.27
C ILE C 38 -16.38 -0.68 -18.75
N ILE C 39 -17.27 -1.63 -19.05
CA ILE C 39 -17.37 -2.15 -20.42
C ILE C 39 -17.97 -1.09 -21.34
N THR C 40 -18.86 -0.22 -20.83
CA THR C 40 -19.45 0.86 -21.63
C THR C 40 -18.35 1.81 -22.08
N ARG C 41 -17.47 2.19 -21.15
CA ARG C 41 -16.36 3.08 -21.41
C ARG C 41 -15.37 2.44 -22.38
N ALA C 42 -15.13 1.14 -22.23
CA ALA C 42 -14.20 0.43 -23.09
C ALA C 42 -14.76 0.32 -24.51
N ALA C 43 -16.07 0.07 -24.64
CA ALA C 43 -16.73 -0.07 -25.93
C ALA C 43 -16.79 1.25 -26.69
N SER C 44 -16.61 2.39 -26.00
CA SER C 44 -16.58 3.70 -26.65
C SER C 44 -15.20 4.02 -27.22
N MET C 45 -14.14 3.29 -26.83
CA MET C 45 -12.79 3.61 -27.26
C MET C 45 -12.15 2.49 -28.09
N PHE C 46 -12.76 1.29 -28.13
CA PHE C 46 -12.25 0.18 -28.92
C PHE C 46 -13.35 -0.33 -29.85
N ASP C 47 -12.95 -0.93 -30.97
CA ASP C 47 -13.88 -1.26 -32.05
C ASP C 47 -14.85 -2.35 -31.56
N ARG C 48 -14.31 -3.42 -30.96
CA ARG C 48 -15.11 -4.51 -30.41
C ARG C 48 -14.61 -4.88 -29.02
N VAL C 49 -15.54 -5.31 -28.15
CA VAL C 49 -15.23 -5.77 -26.81
C VAL C 49 -15.94 -7.10 -26.55
N ILE C 50 -15.19 -8.09 -26.03
CA ILE C 50 -15.77 -9.33 -25.52
C ILE C 50 -15.72 -9.32 -23.99
N LEU C 51 -16.87 -9.45 -23.35
CA LEU C 51 -16.94 -9.80 -21.94
C LEU C 51 -16.67 -11.29 -21.81
N ALA C 52 -15.50 -11.67 -21.27
CA ALA C 52 -15.10 -13.08 -21.18
C ALA C 52 -15.35 -13.60 -19.76
N ILE C 53 -16.29 -14.56 -19.62
CA ILE C 53 -16.72 -15.05 -18.32
C ILE C 53 -16.07 -16.41 -18.02
N ALA C 54 -15.28 -16.48 -16.94
CA ALA C 54 -14.54 -17.67 -16.58
C ALA C 54 -15.49 -18.81 -16.20
N ALA C 55 -15.30 -19.96 -16.86
CA ALA C 55 -16.20 -21.11 -16.70
C ALA C 55 -16.03 -21.73 -15.31
N SER C 56 -14.79 -22.00 -14.92
CA SER C 56 -14.46 -22.76 -13.72
C SER C 56 -13.60 -21.92 -12.77
N PRO C 57 -14.17 -20.92 -12.05
CA PRO C 57 -13.41 -20.20 -11.03
C PRO C 57 -13.01 -21.13 -9.89
N SER C 58 -12.01 -20.69 -9.10
CA SER C 58 -11.44 -21.50 -8.03
C SER C 58 -12.51 -21.84 -6.99
N LYS C 59 -13.16 -20.79 -6.46
CA LYS C 59 -14.31 -20.93 -5.58
C LYS C 59 -15.59 -21.10 -6.43
N LYS C 60 -16.46 -22.03 -5.99
CA LYS C 60 -17.71 -22.30 -6.69
C LYS C 60 -18.57 -21.03 -6.68
N PRO C 61 -18.99 -20.51 -7.86
CA PRO C 61 -19.82 -19.29 -7.92
C PRO C 61 -21.29 -19.55 -7.58
N MET C 62 -22.00 -18.48 -7.19
CA MET C 62 -23.41 -18.55 -6.85
C MET C 62 -24.27 -18.84 -8.08
N PHE C 63 -23.89 -18.24 -9.22
CA PHE C 63 -24.50 -18.49 -10.52
C PHE C 63 -23.56 -19.36 -11.37
N ASP C 64 -24.12 -20.33 -12.11
CA ASP C 64 -23.35 -21.16 -13.02
C ASP C 64 -23.03 -20.36 -14.29
N LEU C 65 -22.15 -20.90 -15.14
CA LEU C 65 -21.70 -20.20 -16.34
C LEU C 65 -22.90 -19.77 -17.19
N GLU C 66 -23.85 -20.68 -17.40
CA GLU C 66 -25.00 -20.43 -18.26
C GLU C 66 -25.77 -19.22 -17.74
N GLU C 67 -25.99 -19.17 -16.41
CA GLU C 67 -26.75 -18.10 -15.78
C GLU C 67 -25.99 -16.78 -15.90
N ARG C 68 -24.67 -16.83 -15.67
CA ARG C 68 -23.81 -15.65 -15.70
C ARG C 68 -23.81 -15.04 -17.11
N VAL C 69 -23.63 -15.89 -18.12
CA VAL C 69 -23.59 -15.45 -19.51
C VAL C 69 -24.93 -14.84 -19.90
N ALA C 70 -26.04 -15.45 -19.47
CA ALA C 70 -27.37 -15.01 -19.85
C ALA C 70 -27.67 -13.65 -19.24
N LEU C 71 -27.37 -13.48 -17.95
CA LEU C 71 -27.62 -12.23 -17.25
C LEU C 71 -26.83 -11.06 -17.86
N ALA C 72 -25.55 -11.33 -18.20
CA ALA C 72 -24.66 -10.33 -18.77
C ALA C 72 -25.09 -9.95 -20.18
N THR C 73 -25.48 -10.96 -20.99
CA THR C 73 -25.96 -10.74 -22.35
C THR C 73 -27.12 -9.74 -22.35
N THR C 74 -28.10 -9.94 -21.47
CA THR C 74 -29.27 -9.08 -21.37
C THR C 74 -28.87 -7.67 -20.92
N ALA C 75 -27.98 -7.59 -19.92
CA ALA C 75 -27.59 -6.32 -19.34
C ALA C 75 -26.82 -5.44 -20.32
N LEU C 76 -26.15 -6.06 -21.31
CA LEU C 76 -25.26 -5.37 -22.23
C LEU C 76 -25.81 -5.38 -23.66
N GLN C 77 -27.08 -5.79 -23.82
CA GLN C 77 -27.69 -5.96 -25.13
C GLN C 77 -27.69 -4.63 -25.90
N HIS C 78 -27.77 -3.51 -25.17
CA HIS C 78 -27.89 -2.18 -25.75
C HIS C 78 -26.58 -1.64 -26.35
N LEU C 79 -25.47 -2.36 -26.12
CA LEU C 79 -24.17 -1.96 -26.64
C LEU C 79 -23.89 -2.71 -27.94
N PRO C 80 -23.87 -2.03 -29.11
CA PRO C 80 -23.81 -2.71 -30.40
C PRO C 80 -22.55 -3.52 -30.66
N ASN C 81 -21.43 -3.12 -30.05
CA ASN C 81 -20.13 -3.67 -30.39
C ASN C 81 -19.58 -4.55 -29.27
N VAL C 82 -20.47 -5.13 -28.46
CA VAL C 82 -20.09 -5.98 -27.33
C VAL C 82 -20.69 -7.39 -27.49
N GLU C 83 -19.88 -8.42 -27.19
CA GLU C 83 -20.34 -9.80 -27.13
C GLU C 83 -19.94 -10.41 -25.78
N VAL C 84 -20.79 -11.28 -25.22
CA VAL C 84 -20.53 -12.01 -24.01
C VAL C 84 -20.25 -13.48 -24.35
N MET C 85 -19.16 -14.03 -23.78
CA MET C 85 -18.72 -15.39 -24.04
C MET C 85 -18.18 -16.02 -22.77
N GLY C 86 -18.37 -17.34 -22.61
CA GLY C 86 -17.64 -18.10 -21.60
C GLY C 86 -16.28 -18.55 -22.14
N PHE C 87 -15.35 -18.85 -21.22
CA PHE C 87 -14.03 -19.37 -21.59
C PHE C 87 -13.48 -20.19 -20.43
N SER C 88 -12.66 -21.19 -20.76
CA SER C 88 -12.18 -22.18 -19.80
C SER C 88 -10.73 -22.58 -20.13
N ASP C 89 -9.89 -21.59 -20.46
CA ASP C 89 -8.53 -21.85 -20.87
C ASP C 89 -7.67 -20.64 -20.52
N LEU C 90 -6.39 -20.70 -20.94
CA LEU C 90 -5.44 -19.63 -20.73
C LEU C 90 -5.95 -18.37 -21.41
N MET C 91 -6.04 -17.26 -20.66
CA MET C 91 -6.48 -15.99 -21.24
C MET C 91 -5.70 -15.67 -22.51
N ALA C 92 -4.43 -16.08 -22.60
CA ALA C 92 -3.61 -15.78 -23.77
C ALA C 92 -4.08 -16.57 -24.98
N ASN C 93 -4.55 -17.81 -24.76
CA ASN C 93 -4.99 -18.68 -25.85
C ASN C 93 -6.37 -18.24 -26.35
N PHE C 94 -7.26 -17.89 -25.41
CA PHE C 94 -8.57 -17.37 -25.75
C PHE C 94 -8.41 -16.08 -26.57
N ALA C 95 -7.52 -15.19 -26.14
CA ALA C 95 -7.30 -13.93 -26.84
C ALA C 95 -6.75 -14.20 -28.23
N ARG C 96 -5.83 -15.16 -28.35
CA ARG C 96 -5.25 -15.52 -29.64
C ARG C 96 -6.35 -16.09 -30.53
N ALA C 97 -7.18 -16.99 -29.99
CA ALA C 97 -8.28 -17.61 -30.72
C ALA C 97 -9.26 -16.57 -31.22
N GLN C 98 -9.47 -15.52 -30.41
CA GLN C 98 -10.46 -14.49 -30.72
C GLN C 98 -9.83 -13.33 -31.48
N GLN C 99 -8.53 -13.42 -31.78
CA GLN C 99 -7.81 -12.38 -32.53
C GLN C 99 -7.92 -11.03 -31.81
N ALA C 100 -7.82 -11.05 -30.48
CA ALA C 100 -7.90 -9.85 -29.67
C ALA C 100 -6.49 -9.35 -29.37
N ASN C 101 -6.32 -8.01 -29.31
CA ASN C 101 -5.01 -7.40 -29.12
C ASN C 101 -4.99 -6.56 -27.83
N ILE C 102 -6.13 -6.48 -27.14
CA ILE C 102 -6.24 -5.66 -25.93
C ILE C 102 -6.93 -6.45 -24.83
N LEU C 103 -6.36 -6.36 -23.62
CA LEU C 103 -6.97 -6.93 -22.42
C LEU C 103 -7.37 -5.81 -21.47
N ILE C 104 -8.67 -5.67 -21.17
CA ILE C 104 -9.22 -4.67 -20.25
C ILE C 104 -9.28 -5.26 -18.85
N ARG C 105 -8.73 -4.54 -17.85
CA ARG C 105 -8.98 -4.81 -16.45
C ARG C 105 -9.50 -3.54 -15.76
N GLY C 106 -10.57 -3.69 -14.98
CA GLY C 106 -11.00 -2.67 -14.04
C GLY C 106 -10.16 -2.71 -12.77
N LEU C 107 -9.83 -1.54 -12.23
CA LEU C 107 -8.88 -1.44 -11.14
C LEU C 107 -9.49 -0.63 -10.00
N ARG C 108 -10.02 -1.33 -8.99
CA ARG C 108 -10.80 -0.75 -7.90
C ARG C 108 -9.90 -0.34 -6.72
N ALA C 109 -9.03 -1.26 -6.28
CA ALA C 109 -8.30 -1.13 -5.01
C ALA C 109 -6.83 -1.48 -5.19
N VAL C 110 -6.00 -1.01 -4.24
CA VAL C 110 -4.56 -1.22 -4.23
C VAL C 110 -4.21 -2.72 -4.23
N ALA C 111 -4.99 -3.50 -3.46
CA ALA C 111 -4.76 -4.93 -3.34
C ALA C 111 -4.84 -5.64 -4.70
N ASP C 112 -5.74 -5.14 -5.57
CA ASP C 112 -5.97 -5.73 -6.88
C ASP C 112 -4.86 -5.33 -7.87
N PHE C 113 -4.26 -4.16 -7.66
CA PHE C 113 -3.25 -3.61 -8.57
C PHE C 113 -2.01 -4.50 -8.55
N GLU C 114 -1.57 -4.98 -7.37
CA GLU C 114 -0.34 -5.76 -7.28
C GLU C 114 -0.49 -7.05 -8.08
N TYR C 115 -1.65 -7.71 -7.87
CA TYR C 115 -1.92 -8.99 -8.49
C TYR C 115 -2.05 -8.82 -10.00
N GLU C 116 -2.70 -7.73 -10.44
CA GLU C 116 -2.93 -7.45 -11.84
C GLU C 116 -1.60 -7.16 -12.53
N MET C 117 -0.67 -6.48 -11.85
CA MET C 117 0.63 -6.19 -12.41
C MET C 117 1.43 -7.48 -12.63
N GLN C 118 1.28 -8.44 -11.71
CA GLN C 118 1.94 -9.73 -11.80
C GLN C 118 1.40 -10.51 -13.01
N LEU C 119 0.07 -10.56 -13.14
CA LEU C 119 -0.57 -11.26 -14.25
C LEU C 119 -0.21 -10.61 -15.57
N ALA C 120 -0.07 -9.29 -15.61
CA ALA C 120 0.26 -8.57 -16.84
C ALA C 120 1.66 -8.94 -17.31
N HIS C 121 2.60 -9.12 -16.36
CA HIS C 121 3.96 -9.52 -16.69
C HIS C 121 3.93 -10.94 -17.27
N MET C 122 3.19 -11.84 -16.62
CA MET C 122 3.05 -13.21 -17.08
C MET C 122 2.42 -13.23 -18.48
N ASN C 123 1.35 -12.45 -18.68
CA ASN C 123 0.67 -12.42 -19.97
C ASN C 123 1.60 -11.83 -21.05
N ARG C 124 2.49 -10.88 -20.72
CA ARG C 124 3.45 -10.36 -21.69
C ARG C 124 4.42 -11.46 -22.10
N HIS C 125 4.78 -12.34 -21.16
CA HIS C 125 5.62 -13.49 -21.45
C HIS C 125 4.87 -14.46 -22.38
N LEU C 126 3.60 -14.74 -22.08
CA LEU C 126 2.82 -15.73 -22.81
C LEU C 126 2.38 -15.20 -24.17
N MET C 127 2.04 -13.91 -24.26
CA MET C 127 1.47 -13.34 -25.48
C MET C 127 1.97 -11.91 -25.64
N PRO C 128 3.18 -11.68 -26.20
CA PRO C 128 3.76 -10.35 -26.26
C PRO C 128 2.92 -9.30 -26.98
N GLU C 129 2.03 -9.75 -27.87
CA GLU C 129 1.26 -8.87 -28.74
C GLU C 129 -0.07 -8.47 -28.10
N LEU C 130 -0.34 -8.97 -26.88
CA LEU C 130 -1.52 -8.59 -26.11
C LEU C 130 -1.17 -7.42 -25.19
N GLU C 131 -1.88 -6.29 -25.34
CA GLU C 131 -1.66 -5.10 -24.52
C GLU C 131 -2.69 -5.03 -23.39
N SER C 132 -2.22 -4.96 -22.14
CA SER C 132 -3.10 -4.82 -20.98
C SER C 132 -3.37 -3.34 -20.73
N VAL C 133 -4.63 -3.01 -20.48
CA VAL C 133 -5.12 -1.64 -20.32
C VAL C 133 -5.99 -1.57 -19.07
N PHE C 134 -5.82 -0.52 -18.25
CA PHE C 134 -6.46 -0.42 -16.96
C PHE C 134 -7.37 0.81 -16.90
N LEU C 135 -8.60 0.61 -16.40
CA LEU C 135 -9.57 1.65 -16.18
C LEU C 135 -9.95 1.69 -14.70
N MET C 136 -10.13 2.89 -14.16
CA MET C 136 -10.59 3.02 -12.79
C MET C 136 -12.11 3.16 -12.80
N PRO C 137 -12.83 2.63 -11.79
CA PRO C 137 -14.29 2.75 -11.72
C PRO C 137 -14.73 4.18 -11.45
N SER C 138 -15.92 4.52 -11.94
CA SER C 138 -16.62 5.75 -11.56
C SER C 138 -16.69 5.83 -10.03
N LYS C 139 -16.70 7.06 -9.52
CA LYS C 139 -16.85 7.32 -8.09
C LYS C 139 -18.11 6.63 -7.54
N GLU C 140 -19.18 6.65 -8.34
CA GLU C 140 -20.46 6.05 -8.00
C GLU C 140 -20.32 4.58 -7.61
N TRP C 141 -19.44 3.83 -8.30
CA TRP C 141 -19.36 2.38 -8.17
C TRP C 141 -18.07 1.91 -7.49
N SER C 142 -17.34 2.84 -6.85
CA SER C 142 -15.97 2.58 -6.43
C SER C 142 -15.89 1.57 -5.28
N PHE C 143 -16.97 1.40 -4.50
CA PHE C 143 -16.93 0.54 -3.32
C PHE C 143 -17.66 -0.79 -3.56
N ILE C 144 -18.39 -0.95 -4.68
CA ILE C 144 -19.18 -2.15 -4.88
C ILE C 144 -18.32 -3.25 -5.50
N SER C 145 -18.64 -4.50 -5.10
CA SER C 145 -18.14 -5.70 -5.74
C SER C 145 -19.28 -6.72 -5.78
N SER C 146 -19.18 -7.72 -6.67
CA SER C 146 -20.13 -8.82 -6.67
C SER C 146 -20.24 -9.41 -5.26
N SER C 147 -19.08 -9.67 -4.62
CA SER C 147 -19.02 -10.31 -3.31
C SER C 147 -19.78 -9.51 -2.25
N LEU C 148 -19.59 -8.19 -2.23
CA LEU C 148 -20.21 -7.35 -1.21
C LEU C 148 -21.72 -7.25 -1.44
N VAL C 149 -22.15 -7.12 -2.70
CA VAL C 149 -23.57 -7.04 -3.04
C VAL C 149 -24.30 -8.32 -2.62
N LYS C 150 -23.67 -9.49 -2.79
CA LYS C 150 -24.29 -10.76 -2.42
C LYS C 150 -24.46 -10.86 -0.90
N GLU C 151 -23.41 -10.49 -0.15
CA GLU C 151 -23.41 -10.60 1.30
C GLU C 151 -24.46 -9.65 1.88
N VAL C 152 -24.59 -8.45 1.31
CA VAL C 152 -25.62 -7.50 1.73
C VAL C 152 -27.01 -8.08 1.46
N ALA C 153 -27.21 -8.65 0.25
CA ALA C 153 -28.51 -9.14 -0.16
C ALA C 153 -28.91 -10.39 0.65
N ARG C 154 -27.92 -11.19 1.06
CA ARG C 154 -28.16 -12.41 1.81
C ARG C 154 -28.77 -12.11 3.18
N HIS C 155 -28.55 -10.88 3.67
CA HIS C 155 -29.13 -10.43 4.93
C HIS C 155 -30.11 -9.28 4.67
N ALA C 156 -30.76 -9.30 3.50
CA ALA C 156 -31.94 -8.50 3.20
C ALA C 156 -31.65 -7.02 3.00
N GLY C 157 -30.38 -6.61 2.94
CA GLY C 157 -30.03 -5.23 2.64
C GLY C 157 -30.44 -4.83 1.22
N ASP C 158 -30.77 -3.54 1.03
CA ASP C 158 -31.19 -3.01 -0.25
C ASP C 158 -29.99 -2.84 -1.19
N VAL C 159 -30.05 -3.52 -2.35
CA VAL C 159 -28.97 -3.47 -3.34
C VAL C 159 -29.52 -3.10 -4.72
N THR C 160 -30.69 -2.44 -4.77
CA THR C 160 -31.37 -2.17 -6.03
C THR C 160 -30.58 -1.15 -6.86
N HIS C 161 -29.85 -0.26 -6.18
CA HIS C 161 -29.08 0.80 -6.81
C HIS C 161 -27.84 0.26 -7.53
N PHE C 162 -27.39 -0.96 -7.17
CA PHE C 162 -26.11 -1.48 -7.59
C PHE C 162 -26.20 -2.46 -8.76
N LEU C 163 -27.40 -2.98 -9.08
CA LEU C 163 -27.58 -4.04 -10.07
C LEU C 163 -28.59 -3.62 -11.13
N PRO C 164 -28.50 -4.14 -12.39
CA PRO C 164 -29.60 -3.98 -13.36
C PRO C 164 -30.78 -4.86 -12.94
N ALA C 165 -31.98 -4.54 -13.45
CA ALA C 165 -33.22 -5.15 -13.00
C ALA C 165 -33.19 -6.67 -13.16
N ASN C 166 -32.75 -7.13 -14.34
CA ASN C 166 -32.69 -8.56 -14.65
C ASN C 166 -31.86 -9.29 -13.59
N VAL C 167 -30.73 -8.70 -13.20
CA VAL C 167 -29.81 -9.33 -12.27
C VAL C 167 -30.41 -9.28 -10.85
N HIS C 168 -31.04 -8.15 -10.50
CA HIS C 168 -31.62 -7.99 -9.18
C HIS C 168 -32.67 -9.09 -8.93
N GLN C 169 -33.52 -9.32 -9.94
CA GLN C 169 -34.60 -10.30 -9.86
C GLN C 169 -34.01 -11.70 -9.66
N ALA C 170 -33.02 -12.06 -10.48
CA ALA C 170 -32.37 -13.37 -10.42
C ALA C 170 -31.76 -13.61 -9.04
N LEU C 171 -31.17 -12.55 -8.46
CA LEU C 171 -30.49 -12.67 -7.18
C LEU C 171 -31.49 -12.92 -6.05
N MET C 172 -32.59 -12.14 -6.02
CA MET C 172 -33.64 -12.32 -5.04
C MET C 172 -34.13 -13.77 -5.10
N GLU C 173 -34.30 -14.30 -6.33
CA GLU C 173 -34.76 -15.65 -6.55
C GLU C 173 -33.79 -16.66 -5.95
N LYS C 174 -32.47 -16.43 -6.11
CA LYS C 174 -31.46 -17.34 -5.60
C LYS C 174 -31.48 -17.42 -4.07
N LEU C 175 -31.94 -16.36 -3.39
CA LEU C 175 -31.86 -16.25 -1.94
C LEU C 175 -33.22 -16.54 -1.27
N LYS C 176 -34.04 -17.37 -1.94
CA LYS C 176 -35.32 -17.83 -1.45
C LYS C 176 -35.43 -19.36 -1.65
N GLY D 1 -26.86 3.86 -39.90
CA GLY D 1 -27.19 5.28 -39.66
C GLY D 1 -27.54 6.02 -40.94
N SER D 2 -26.62 5.95 -41.91
CA SER D 2 -26.79 6.50 -43.26
C SER D 2 -26.12 7.88 -43.37
N HIS D 3 -26.92 8.93 -43.66
CA HIS D 3 -26.46 10.31 -43.61
C HIS D 3 -27.45 11.10 -42.74
N MET D 4 -27.51 10.75 -41.45
CA MET D 4 -28.57 11.21 -40.57
C MET D 4 -28.16 12.51 -39.87
N ALA D 5 -27.26 13.28 -40.48
CA ALA D 5 -26.80 14.56 -39.97
C ALA D 5 -27.97 15.53 -39.79
N SER D 6 -28.94 15.48 -40.73
CA SER D 6 -30.13 16.32 -40.73
C SER D 6 -30.95 16.08 -39.45
N MET D 7 -30.81 14.88 -38.86
CA MET D 7 -31.50 14.46 -37.66
C MET D 7 -30.60 14.56 -36.42
N THR D 8 -29.36 14.06 -36.48
CA THR D 8 -28.50 14.07 -35.29
C THR D 8 -27.02 14.12 -35.67
N GLY D 9 -26.21 14.77 -34.79
CA GLY D 9 -24.76 14.75 -34.87
C GLY D 9 -24.15 13.50 -34.25
N GLY D 10 -24.84 12.92 -33.24
CA GLY D 10 -24.42 11.70 -32.56
C GLY D 10 -23.77 11.97 -31.19
N GLN D 11 -24.03 11.09 -30.20
CA GLN D 11 -23.40 11.15 -28.89
C GLN D 11 -22.30 10.07 -28.83
N GLN D 12 -21.40 10.21 -27.84
CA GLN D 12 -20.18 9.42 -27.77
C GLN D 12 -20.42 8.01 -27.22
N MET D 13 -21.42 7.82 -26.32
CA MET D 13 -21.62 6.55 -25.62
C MET D 13 -22.86 5.79 -26.16
N GLY D 14 -22.75 4.45 -26.20
CA GLY D 14 -23.84 3.54 -26.50
C GLY D 14 -24.01 3.22 -27.99
N ARG D 15 -23.02 3.59 -28.82
CA ARG D 15 -23.19 3.60 -30.27
C ARG D 15 -21.93 3.15 -31.03
N GLY D 16 -21.07 2.33 -30.40
CA GLY D 16 -19.92 1.74 -31.08
C GLY D 16 -18.66 2.61 -30.92
N SER D 17 -17.63 2.33 -31.76
CA SER D 17 -16.31 2.95 -31.66
C SER D 17 -16.25 4.32 -32.33
N MET D 18 -15.55 5.23 -31.65
CA MET D 18 -15.40 6.63 -32.06
C MET D 18 -13.91 6.88 -32.36
N SER D 19 -13.63 7.97 -33.09
CA SER D 19 -12.26 8.43 -33.28
C SER D 19 -11.61 8.70 -31.92
N THR D 20 -10.36 8.25 -31.71
CA THR D 20 -9.69 8.46 -30.42
C THR D 20 -8.47 9.37 -30.59
N LYS D 21 -8.36 10.37 -29.71
CA LYS D 21 -7.20 11.22 -29.61
C LYS D 21 -6.78 11.30 -28.14
N ALA D 22 -5.54 10.91 -27.84
CA ALA D 22 -5.03 10.79 -26.48
C ALA D 22 -3.97 11.84 -26.18
N ILE D 23 -3.97 12.35 -24.92
CA ILE D 23 -2.87 13.15 -24.40
C ILE D 23 -2.11 12.31 -23.36
N TYR D 24 -0.77 12.37 -23.44
CA TYR D 24 0.15 11.79 -22.47
C TYR D 24 0.97 12.91 -21.82
N PRO D 25 0.50 13.50 -20.71
CA PRO D 25 1.20 14.58 -20.03
C PRO D 25 2.27 14.17 -19.04
N GLY D 26 3.29 15.04 -18.89
CA GLY D 26 4.36 14.87 -17.94
C GLY D 26 5.37 16.01 -18.04
N THR D 27 6.45 15.92 -17.25
CA THR D 27 7.54 16.88 -17.31
C THR D 27 8.62 16.40 -18.29
N PHE D 28 8.79 15.08 -18.42
CA PHE D 28 9.72 14.49 -19.38
C PHE D 28 11.07 15.22 -19.36
N ASP D 29 11.73 15.15 -18.20
CA ASP D 29 12.93 15.94 -17.93
C ASP D 29 14.09 15.02 -17.57
N PRO D 30 14.71 14.27 -18.51
CA PRO D 30 14.23 14.13 -19.89
C PRO D 30 13.42 12.87 -20.12
N ILE D 31 12.93 12.69 -21.35
CA ILE D 31 12.21 11.49 -21.74
C ILE D 31 13.16 10.29 -21.66
N THR D 32 12.66 9.16 -21.12
CA THR D 32 13.40 7.91 -20.95
C THR D 32 12.76 6.83 -21.82
N ASN D 33 13.43 5.66 -21.87
CA ASN D 33 12.94 4.50 -22.61
C ASN D 33 11.58 4.05 -22.06
N GLY D 34 11.35 4.29 -20.77
CA GLY D 34 10.09 3.93 -20.13
C GLY D 34 8.94 4.75 -20.71
N HIS D 35 9.16 6.06 -20.85
CA HIS D 35 8.17 6.94 -21.47
C HIS D 35 7.90 6.51 -22.92
N ILE D 36 8.98 6.20 -23.66
CA ILE D 36 8.89 5.85 -25.07
C ILE D 36 8.06 4.57 -25.21
N ASP D 37 8.24 3.63 -24.29
CA ASP D 37 7.51 2.38 -24.29
C ASP D 37 6.02 2.65 -24.08
N ILE D 38 5.67 3.47 -23.09
CA ILE D 38 4.28 3.81 -22.81
C ILE D 38 3.62 4.43 -24.05
N ILE D 39 4.25 5.46 -24.63
CA ILE D 39 3.63 6.18 -25.73
C ILE D 39 3.55 5.30 -26.98
N THR D 40 4.53 4.38 -27.18
CA THR D 40 4.52 3.47 -28.31
C THR D 40 3.31 2.55 -28.23
N ARG D 41 3.06 2.01 -27.03
CA ARG D 41 1.93 1.12 -26.79
C ARG D 41 0.61 1.87 -26.96
N ALA D 42 0.56 3.12 -26.51
CA ALA D 42 -0.64 3.94 -26.63
C ALA D 42 -0.94 4.27 -28.09
N ALA D 43 0.11 4.59 -28.86
CA ALA D 43 -0.02 4.96 -30.26
C ALA D 43 -0.46 3.78 -31.13
N SER D 44 -0.29 2.54 -30.63
CA SER D 44 -0.73 1.35 -31.35
C SER D 44 -2.21 1.05 -31.13
N MET D 45 -2.85 1.68 -30.12
CA MET D 45 -4.23 1.38 -29.80
C MET D 45 -5.16 2.60 -29.99
N PHE D 46 -4.61 3.81 -30.15
CA PHE D 46 -5.42 5.01 -30.31
C PHE D 46 -4.99 5.74 -31.59
N ASP D 47 -5.91 6.51 -32.20
CA ASP D 47 -5.72 7.03 -33.54
C ASP D 47 -4.57 8.05 -33.54
N ARG D 48 -4.61 8.99 -32.60
CA ARG D 48 -3.56 10.01 -32.45
C ARG D 48 -3.17 10.15 -30.96
N VAL D 49 -1.90 10.48 -30.70
CA VAL D 49 -1.40 10.70 -29.35
C VAL D 49 -0.57 12.00 -29.33
N ILE D 50 -0.83 12.88 -28.36
CA ILE D 50 0.01 14.03 -28.08
C ILE D 50 0.81 13.79 -26.80
N LEU D 51 2.15 13.82 -26.89
CA LEU D 51 3.00 13.95 -25.73
C LEU D 51 2.97 15.39 -25.25
N ALA D 52 2.33 15.65 -24.11
CA ALA D 52 2.15 17.01 -23.60
C ALA D 52 3.18 17.31 -22.51
N ILE D 53 4.10 18.24 -22.77
CA ILE D 53 5.20 18.54 -21.86
C ILE D 53 4.93 19.81 -21.06
N ALA D 54 4.89 19.69 -19.73
CA ALA D 54 4.54 20.79 -18.84
C ALA D 54 5.61 21.88 -18.89
N ALA D 55 5.18 23.12 -19.13
CA ALA D 55 6.07 24.26 -19.33
C ALA D 55 6.77 24.65 -18.03
N SER D 56 5.99 24.83 -16.96
CA SER D 56 6.49 25.37 -15.69
C SER D 56 6.20 24.37 -14.57
N PRO D 57 6.96 23.25 -14.47
CA PRO D 57 6.79 22.30 -13.37
C PRO D 57 7.14 22.94 -12.03
N SER D 58 6.67 22.28 -10.95
CA SER D 58 6.83 22.79 -9.59
C SER D 58 8.32 22.94 -9.24
N LYS D 59 9.07 21.84 -9.38
CA LYS D 59 10.52 21.86 -9.24
C LYS D 59 11.17 22.26 -10.57
N LYS D 60 12.20 23.13 -10.49
CA LYS D 60 12.87 23.64 -11.67
C LYS D 60 13.50 22.46 -12.42
N PRO D 61 13.17 22.25 -13.71
CA PRO D 61 13.73 21.12 -14.45
C PRO D 61 15.16 21.35 -14.93
N MET D 62 15.88 20.26 -15.18
CA MET D 62 17.25 20.31 -15.66
C MET D 62 17.29 20.83 -17.09
N PHE D 63 16.32 20.40 -17.91
CA PHE D 63 16.12 20.87 -19.28
C PHE D 63 14.95 21.85 -19.34
N ASP D 64 15.08 22.93 -20.11
CA ASP D 64 14.00 23.89 -20.31
C ASP D 64 12.97 23.29 -21.29
N LEU D 65 11.82 23.96 -21.42
CA LEU D 65 10.73 23.44 -22.24
C LEU D 65 11.21 23.17 -23.67
N GLU D 66 11.95 24.14 -24.23
CA GLU D 66 12.39 24.06 -25.62
C GLU D 66 13.25 22.82 -25.82
N GLU D 67 14.17 22.57 -24.86
CA GLU D 67 15.07 21.42 -24.93
C GLU D 67 14.30 20.11 -24.78
N ARG D 68 13.32 20.10 -23.85
CA ARG D 68 12.53 18.89 -23.58
C ARG D 68 11.70 18.53 -24.81
N VAL D 69 11.05 19.53 -25.42
CA VAL D 69 10.22 19.32 -26.60
C VAL D 69 11.08 18.82 -27.75
N ALA D 70 12.28 19.38 -27.92
CA ALA D 70 13.16 19.03 -29.03
C ALA D 70 13.67 17.59 -28.89
N LEU D 71 14.10 17.21 -27.69
CA LEU D 71 14.62 15.88 -27.42
C LEU D 71 13.55 14.80 -27.65
N ALA D 72 12.31 15.09 -27.19
CA ALA D 72 11.19 14.16 -27.32
C ALA D 72 10.74 14.04 -28.77
N THR D 73 10.71 15.16 -29.51
CA THR D 73 10.36 15.17 -30.92
C THR D 73 11.26 14.22 -31.70
N THR D 74 12.58 14.29 -31.47
CA THR D 74 13.55 13.45 -32.16
C THR D 74 13.35 11.98 -31.77
N ALA D 75 13.16 11.72 -30.48
CA ALA D 75 13.08 10.38 -29.95
C ALA D 75 11.84 9.64 -30.48
N LEU D 76 10.78 10.39 -30.82
CA LEU D 76 9.48 9.83 -31.19
C LEU D 76 9.16 10.07 -32.67
N GLN D 77 10.16 10.51 -33.45
CA GLN D 77 9.90 10.89 -34.83
C GLN D 77 9.45 9.67 -35.65
N HIS D 78 9.84 8.46 -35.24
CA HIS D 78 9.52 7.22 -35.95
C HIS D 78 8.06 6.77 -35.77
N LEU D 79 7.31 7.44 -34.89
CA LEU D 79 5.90 7.11 -34.68
C LEU D 79 5.04 8.10 -35.47
N PRO D 80 4.34 7.65 -36.55
CA PRO D 80 3.68 8.59 -37.45
C PRO D 80 2.50 9.35 -36.83
N ASN D 81 1.85 8.77 -35.81
CA ASN D 81 0.61 9.32 -35.28
C ASN D 81 0.82 10.00 -33.92
N VAL D 82 2.05 10.44 -33.63
CA VAL D 82 2.40 11.10 -32.38
C VAL D 82 2.91 12.51 -32.64
N GLU D 83 2.44 13.47 -31.83
CA GLU D 83 2.88 14.86 -31.85
C GLU D 83 3.39 15.26 -30.45
N VAL D 84 4.47 16.06 -30.39
CA VAL D 84 5.00 16.57 -29.14
C VAL D 84 4.68 18.06 -29.04
N MET D 85 4.13 18.49 -27.88
CA MET D 85 3.74 19.87 -27.63
C MET D 85 4.03 20.26 -26.18
N GLY D 86 4.35 21.53 -25.95
CA GLY D 86 4.35 22.09 -24.60
C GLY D 86 2.97 22.58 -24.20
N PHE D 87 2.72 22.71 -22.89
CA PHE D 87 1.47 23.25 -22.37
C PHE D 87 1.71 23.85 -20.98
N SER D 88 0.87 24.83 -20.60
CA SER D 88 0.94 25.46 -19.29
C SER D 88 -0.47 25.69 -18.75
N ASP D 89 -1.18 24.58 -18.54
CA ASP D 89 -2.56 24.61 -18.12
C ASP D 89 -2.87 23.34 -17.33
N LEU D 90 -4.12 23.20 -16.89
CA LEU D 90 -4.61 21.92 -16.40
C LEU D 90 -4.58 20.92 -17.55
N MET D 91 -4.18 19.69 -17.29
CA MET D 91 -4.35 18.58 -18.23
C MET D 91 -5.71 18.59 -18.90
N ALA D 92 -6.76 18.88 -18.13
CA ALA D 92 -8.13 18.80 -18.61
C ALA D 92 -8.42 19.93 -19.61
N ASN D 93 -7.82 21.10 -19.40
CA ASN D 93 -8.04 22.27 -20.24
C ASN D 93 -7.31 22.11 -21.58
N PHE D 94 -6.06 21.60 -21.50
CA PHE D 94 -5.28 21.32 -22.68
C PHE D 94 -6.00 20.27 -23.51
N ALA D 95 -6.53 19.21 -22.87
CA ALA D 95 -7.25 18.17 -23.57
C ALA D 95 -8.48 18.75 -24.26
N ARG D 96 -9.21 19.64 -23.57
CA ARG D 96 -10.38 20.26 -24.15
C ARG D 96 -9.98 21.10 -25.37
N ALA D 97 -8.92 21.91 -25.21
CA ALA D 97 -8.41 22.75 -26.27
C ALA D 97 -7.99 21.92 -27.49
N GLN D 98 -7.43 20.74 -27.24
CA GLN D 98 -6.89 19.87 -28.29
C GLN D 98 -7.93 18.87 -28.79
N GLN D 99 -9.15 18.94 -28.26
CA GLN D 99 -10.24 18.07 -28.67
C GLN D 99 -9.83 16.59 -28.49
N ALA D 100 -9.18 16.30 -27.36
CA ALA D 100 -8.78 14.95 -26.99
C ALA D 100 -9.84 14.33 -26.08
N ASN D 101 -10.02 13.01 -26.17
CA ASN D 101 -11.02 12.29 -25.39
C ASN D 101 -10.37 11.24 -24.49
N ILE D 102 -9.05 11.10 -24.57
CA ILE D 102 -8.33 10.10 -23.77
C ILE D 102 -7.11 10.75 -23.09
N LEU D 103 -6.95 10.44 -21.79
CA LEU D 103 -5.79 10.83 -21.01
C LEU D 103 -5.00 9.57 -20.63
N ILE D 104 -3.73 9.52 -21.06
CA ILE D 104 -2.85 8.39 -20.77
C ILE D 104 -2.05 8.66 -19.49
N ARG D 105 -2.06 7.70 -18.56
CA ARG D 105 -1.30 7.80 -17.31
C ARG D 105 -0.50 6.51 -17.10
N GLY D 106 0.79 6.66 -16.81
CA GLY D 106 1.62 5.51 -16.48
C GLY D 106 1.44 5.15 -15.01
N LEU D 107 1.44 3.86 -14.71
CA LEU D 107 1.15 3.36 -13.37
C LEU D 107 2.28 2.43 -12.92
N ARG D 108 3.27 2.99 -12.21
CA ARG D 108 4.51 2.29 -11.86
C ARG D 108 4.38 1.62 -10.49
N ALA D 109 3.92 2.38 -9.47
CA ALA D 109 3.99 1.88 -8.09
C ALA D 109 2.65 1.97 -7.35
N VAL D 110 2.51 1.11 -6.34
CA VAL D 110 1.36 1.02 -5.45
C VAL D 110 1.09 2.37 -4.77
N ALA D 111 2.18 3.05 -4.37
CA ALA D 111 2.11 4.32 -3.67
C ALA D 111 1.32 5.36 -4.49
N ASP D 112 1.45 5.30 -5.83
CA ASP D 112 0.88 6.26 -6.75
C ASP D 112 -0.60 5.96 -7.04
N PHE D 113 -1.11 4.77 -6.70
CA PHE D 113 -2.42 4.33 -7.17
C PHE D 113 -3.55 5.23 -6.61
N GLU D 114 -3.45 5.56 -5.32
CA GLU D 114 -4.52 6.33 -4.68
C GLU D 114 -4.51 7.75 -5.25
N TYR D 115 -3.33 8.34 -5.48
CA TYR D 115 -3.22 9.68 -6.04
C TYR D 115 -3.81 9.69 -7.46
N GLU D 116 -3.51 8.65 -8.25
CA GLU D 116 -3.97 8.57 -9.63
C GLU D 116 -5.49 8.47 -9.71
N MET D 117 -6.06 7.70 -8.76
CA MET D 117 -7.51 7.56 -8.69
C MET D 117 -8.17 8.91 -8.35
N GLN D 118 -7.53 9.70 -7.49
CA GLN D 118 -8.02 11.02 -7.08
C GLN D 118 -7.97 11.99 -8.26
N LEU D 119 -6.88 12.01 -9.01
CA LEU D 119 -6.72 12.89 -10.17
C LEU D 119 -7.76 12.53 -11.24
N ALA D 120 -8.05 11.22 -11.38
CA ALA D 120 -9.01 10.78 -12.38
C ALA D 120 -10.42 11.27 -12.04
N HIS D 121 -10.76 11.28 -10.73
CA HIS D 121 -12.04 11.77 -10.27
C HIS D 121 -12.14 13.27 -10.53
N MET D 122 -11.07 14.02 -10.22
CA MET D 122 -11.06 15.47 -10.45
C MET D 122 -11.21 15.75 -11.94
N ASN D 123 -10.48 15.01 -12.79
CA ASN D 123 -10.56 15.24 -14.22
C ASN D 123 -11.96 14.91 -14.76
N ARG D 124 -12.64 13.89 -14.18
CA ARG D 124 -14.01 13.56 -14.57
C ARG D 124 -14.94 14.72 -14.22
N HIS D 125 -14.68 15.38 -13.09
CA HIS D 125 -15.44 16.56 -12.68
C HIS D 125 -15.21 17.70 -13.65
N LEU D 126 -13.94 17.95 -14.03
CA LEU D 126 -13.60 19.08 -14.88
C LEU D 126 -14.02 18.84 -16.34
N MET D 127 -13.88 17.60 -16.82
CA MET D 127 -14.12 17.30 -18.22
C MET D 127 -14.74 15.91 -18.33
N PRO D 128 -16.09 15.78 -18.17
CA PRO D 128 -16.73 14.46 -18.10
C PRO D 128 -16.48 13.54 -19.29
N GLU D 129 -16.15 14.13 -20.45
CA GLU D 129 -16.01 13.40 -21.71
C GLU D 129 -14.57 12.91 -21.91
N LEU D 130 -13.67 13.24 -20.98
CA LEU D 130 -12.29 12.76 -20.97
C LEU D 130 -12.18 11.46 -20.18
N GLU D 131 -11.71 10.40 -20.85
CA GLU D 131 -11.50 9.09 -20.24
C GLU D 131 -10.02 8.93 -19.88
N SER D 132 -9.73 8.61 -18.62
CA SER D 132 -8.39 8.25 -18.17
C SER D 132 -8.14 6.77 -18.40
N VAL D 133 -6.96 6.46 -18.94
CA VAL D 133 -6.55 5.11 -19.29
C VAL D 133 -5.15 4.86 -18.72
N PHE D 134 -4.95 3.69 -18.09
CA PHE D 134 -3.76 3.42 -17.30
C PHE D 134 -2.99 2.24 -17.88
N LEU D 135 -1.68 2.48 -18.11
CA LEU D 135 -0.76 1.50 -18.64
C LEU D 135 0.35 1.27 -17.62
N MET D 136 0.69 0.00 -17.40
CA MET D 136 1.82 -0.37 -16.56
C MET D 136 3.09 -0.40 -17.39
N PRO D 137 4.25 -0.02 -16.83
CA PRO D 137 5.51 -0.07 -17.56
C PRO D 137 5.95 -1.52 -17.78
N SER D 138 6.69 -1.74 -18.89
CA SER D 138 7.37 -3.01 -19.11
C SER D 138 8.25 -3.33 -17.91
N LYS D 139 8.45 -4.62 -17.65
CA LYS D 139 9.35 -5.10 -16.59
C LYS D 139 10.74 -4.46 -16.74
N GLU D 140 11.19 -4.34 -18.00
CA GLU D 140 12.49 -3.78 -18.34
C GLU D 140 12.68 -2.39 -17.75
N TRP D 141 11.61 -1.56 -17.71
CA TRP D 141 11.71 -0.14 -17.37
C TRP D 141 11.04 0.17 -16.03
N SER D 142 10.73 -0.86 -15.23
CA SER D 142 9.83 -0.69 -14.09
C SER D 142 10.47 0.12 -12.95
N PHE D 143 11.80 0.18 -12.91
CA PHE D 143 12.52 0.80 -11.80
C PHE D 143 13.10 2.17 -12.20
N ILE D 144 13.10 2.52 -13.49
CA ILE D 144 13.69 3.78 -13.92
C ILE D 144 12.68 4.91 -13.77
N SER D 145 13.24 6.09 -13.46
CA SER D 145 12.57 7.38 -13.56
C SER D 145 13.58 8.39 -14.10
N SER D 146 13.09 9.51 -14.65
CA SER D 146 13.95 10.61 -15.04
C SER D 146 14.87 10.98 -13.87
N SER D 147 14.27 11.13 -12.67
CA SER D 147 15.00 11.55 -11.48
C SER D 147 16.15 10.62 -11.14
N LEU D 148 15.91 9.30 -11.19
CA LEU D 148 16.92 8.32 -10.80
C LEU D 148 18.03 8.28 -11.85
N VAL D 149 17.68 8.34 -13.14
CA VAL D 149 18.66 8.33 -14.23
C VAL D 149 19.60 9.53 -14.12
N LYS D 150 19.08 10.71 -13.76
CA LYS D 150 19.90 11.91 -13.65
C LYS D 150 20.89 11.78 -12.47
N GLU D 151 20.39 11.29 -11.34
CA GLU D 151 21.21 11.18 -10.14
C GLU D 151 22.30 10.13 -10.33
N VAL D 152 22.01 9.05 -11.04
CA VAL D 152 23.02 8.04 -11.38
C VAL D 152 24.06 8.67 -12.30
N ALA D 153 23.62 9.42 -13.33
CA ALA D 153 24.51 10.00 -14.31
C ALA D 153 25.40 11.09 -13.70
N ARG D 154 24.88 11.79 -12.69
CA ARG D 154 25.59 12.86 -12.02
C ARG D 154 26.83 12.32 -11.29
N HIS D 155 26.81 11.02 -10.95
CA HIS D 155 27.93 10.35 -10.32
C HIS D 155 28.52 9.29 -11.26
N ALA D 156 28.39 9.51 -12.57
CA ALA D 156 29.14 8.78 -13.60
C ALA D 156 28.67 7.33 -13.78
N GLY D 157 27.54 6.93 -13.16
CA GLY D 157 26.97 5.62 -13.40
C GLY D 157 26.48 5.48 -14.84
N ASP D 158 26.53 4.23 -15.37
CA ASP D 158 26.16 3.94 -16.75
C ASP D 158 24.64 3.91 -16.89
N VAL D 159 24.10 4.81 -17.75
CA VAL D 159 22.67 4.92 -17.98
C VAL D 159 22.36 4.84 -19.48
N THR D 160 23.27 4.25 -20.27
CA THR D 160 23.12 4.21 -21.72
C THR D 160 21.95 3.32 -22.11
N HIS D 161 21.66 2.30 -21.30
CA HIS D 161 20.60 1.33 -21.54
C HIS D 161 19.20 1.96 -21.34
N PHE D 162 19.12 3.07 -20.62
CA PHE D 162 17.84 3.63 -20.16
C PHE D 162 17.36 4.81 -21.01
N LEU D 163 18.22 5.39 -21.87
CA LEU D 163 17.89 6.61 -22.61
C LEU D 163 18.12 6.38 -24.11
N PRO D 164 17.42 7.10 -25.02
CA PRO D 164 17.81 7.14 -26.43
C PRO D 164 19.10 7.96 -26.59
N ALA D 165 19.83 7.74 -27.69
CA ALA D 165 21.16 8.30 -27.89
C ALA D 165 21.11 9.84 -27.81
N ASN D 166 20.13 10.47 -28.49
CA ASN D 166 20.02 11.92 -28.51
C ASN D 166 19.94 12.45 -27.09
N VAL D 167 19.15 11.79 -26.23
CA VAL D 167 18.94 12.25 -24.87
C VAL D 167 20.21 12.00 -24.04
N HIS D 168 20.84 10.85 -24.24
CA HIS D 168 22.05 10.50 -23.50
C HIS D 168 23.14 11.55 -23.73
N GLN D 169 23.32 11.97 -24.99
CA GLN D 169 24.31 12.96 -25.39
C GLN D 169 24.03 14.29 -24.69
N ALA D 170 22.78 14.75 -24.77
CA ALA D 170 22.36 16.02 -24.18
C ALA D 170 22.62 16.01 -22.67
N LEU D 171 22.37 14.86 -22.03
CA LEU D 171 22.49 14.76 -20.58
C LEU D 171 23.95 14.83 -20.16
N MET D 172 24.83 14.08 -20.85
CA MET D 172 26.26 14.13 -20.59
C MET D 172 26.75 15.57 -20.69
N GLU D 173 26.25 16.29 -21.71
CA GLU D 173 26.63 17.68 -21.95
C GLU D 173 26.20 18.55 -20.76
N LYS D 174 25.00 18.31 -20.21
CA LYS D 174 24.51 19.09 -19.07
C LYS D 174 25.37 18.91 -17.82
N LEU D 175 26.04 17.75 -17.68
CA LEU D 175 26.73 17.38 -16.45
C LEU D 175 28.24 17.48 -16.55
N LYS D 176 28.79 18.10 -17.61
CA LYS D 176 30.23 18.24 -17.74
C LYS D 176 30.78 19.23 -16.68
N MET E 18 -18.46 13.41 32.00
CA MET E 18 -17.77 14.72 31.95
C MET E 18 -18.04 15.39 30.60
N SER E 19 -17.02 16.01 29.97
CA SER E 19 -17.12 16.65 28.68
C SER E 19 -16.09 16.05 27.71
N THR E 20 -16.39 16.05 26.40
CA THR E 20 -15.39 15.84 25.36
C THR E 20 -15.11 17.14 24.60
N LYS E 21 -13.83 17.42 24.37
CA LYS E 21 -13.42 18.60 23.62
C LYS E 21 -12.38 18.19 22.58
N ALA E 22 -12.68 18.44 21.30
CA ALA E 22 -11.85 17.97 20.19
C ALA E 22 -11.17 19.13 19.46
N ILE E 23 -9.95 18.87 18.98
CA ILE E 23 -9.20 19.77 18.10
C ILE E 23 -9.15 19.13 16.71
N TYR E 24 -9.42 19.95 15.68
CA TYR E 24 -9.27 19.58 14.28
C TYR E 24 -8.24 20.51 13.64
N PRO E 25 -6.93 20.13 13.65
CA PRO E 25 -5.87 20.97 13.10
C PRO E 25 -5.60 20.82 11.60
N GLY E 26 -5.11 21.90 10.98
CA GLY E 26 -4.75 21.94 9.57
C GLY E 26 -4.29 23.34 9.17
N THR E 27 -3.97 23.53 7.87
CA THR E 27 -3.60 24.84 7.34
C THR E 27 -4.84 25.57 6.82
N PHE E 28 -5.84 24.82 6.32
CA PHE E 28 -7.09 25.38 5.85
C PHE E 28 -6.85 26.62 5.00
N ASP E 29 -6.16 26.42 3.88
CA ASP E 29 -5.70 27.49 3.01
C ASP E 29 -6.24 27.29 1.59
N PRO E 30 -7.55 27.55 1.31
CA PRO E 30 -8.56 27.84 2.32
C PRO E 30 -9.39 26.62 2.70
N ILE E 31 -10.32 26.79 3.65
CA ILE E 31 -11.23 25.75 4.06
C ILE E 31 -12.12 25.37 2.87
N THR E 32 -12.35 24.05 2.69
CA THR E 32 -13.17 23.50 1.61
C THR E 32 -14.40 22.81 2.21
N ASN E 33 -15.31 22.38 1.32
CA ASN E 33 -16.52 21.66 1.71
C ASN E 33 -16.15 20.34 2.41
N GLY E 34 -14.99 19.78 2.05
CA GLY E 34 -14.49 18.55 2.67
C GLY E 34 -14.19 18.76 4.15
N HIS E 35 -13.50 19.86 4.44
CA HIS E 35 -13.20 20.23 5.82
C HIS E 35 -14.50 20.45 6.61
N ILE E 36 -15.46 21.15 5.99
CA ILE E 36 -16.70 21.51 6.64
C ILE E 36 -17.48 20.24 6.98
N ASP E 37 -17.42 19.24 6.08
CA ASP E 37 -18.09 17.97 6.30
C ASP E 37 -17.49 17.26 7.51
N ILE E 38 -16.16 17.19 7.59
CA ILE E 38 -15.47 16.53 8.69
C ILE E 38 -15.85 17.17 10.02
N ILE E 39 -15.76 18.51 10.11
CA ILE E 39 -15.98 19.19 11.36
C ILE E 39 -17.46 19.11 11.76
N THR E 40 -18.39 19.09 10.78
CA THR E 40 -19.82 18.98 11.05
C THR E 40 -20.11 17.65 11.73
N ARG E 41 -19.52 16.58 11.20
CA ARG E 41 -19.69 15.23 11.73
C ARG E 41 -19.08 15.12 13.12
N ALA E 42 -17.91 15.76 13.32
CA ALA E 42 -17.23 15.72 14.61
C ALA E 42 -18.04 16.48 15.67
N ALA E 43 -18.60 17.64 15.28
CA ALA E 43 -19.39 18.48 16.17
C ALA E 43 -20.70 17.82 16.61
N SER E 44 -21.17 16.81 15.86
CA SER E 44 -22.38 16.08 16.20
C SER E 44 -22.11 14.98 17.24
N MET E 45 -20.84 14.61 17.46
CA MET E 45 -20.53 13.50 18.35
C MET E 45 -19.70 13.94 19.56
N PHE E 46 -19.14 15.16 19.56
CA PHE E 46 -18.33 15.66 20.67
C PHE E 46 -18.89 17.00 21.13
N ASP E 47 -18.66 17.35 22.41
CA ASP E 47 -19.34 18.45 23.05
C ASP E 47 -18.90 19.78 22.42
N ARG E 48 -17.57 19.96 22.28
CA ARG E 48 -17.01 21.15 21.64
C ARG E 48 -15.90 20.75 20.66
N VAL E 49 -15.77 21.52 19.58
CA VAL E 49 -14.74 21.29 18.57
C VAL E 49 -14.05 22.62 18.25
N ILE E 50 -12.70 22.60 18.25
CA ILE E 50 -11.91 23.74 17.79
C ILE E 50 -11.29 23.40 16.44
N LEU E 51 -11.58 24.21 15.42
CA LEU E 51 -10.81 24.21 14.18
C LEU E 51 -9.51 24.97 14.45
N ALA E 52 -8.39 24.24 14.50
CA ALA E 52 -7.10 24.84 14.83
C ALA E 52 -6.31 25.09 13.54
N ILE E 53 -6.06 26.37 13.23
CA ILE E 53 -5.44 26.78 11.97
C ILE E 53 -3.95 27.12 12.22
N ALA E 54 -3.06 26.41 11.53
CA ALA E 54 -1.62 26.58 11.70
C ALA E 54 -1.19 27.96 11.23
N ALA E 55 -0.50 28.71 12.11
CA ALA E 55 -0.03 30.06 11.78
C ALA E 55 1.07 30.02 10.71
N SER E 56 2.07 29.13 10.90
CA SER E 56 3.26 29.06 10.09
C SER E 56 3.36 27.68 9.45
N PRO E 57 2.60 27.38 8.37
CA PRO E 57 2.82 26.18 7.58
C PRO E 57 4.20 26.19 6.93
N SER E 58 4.64 25.00 6.48
CA SER E 58 5.95 24.80 5.86
C SER E 58 6.11 25.68 4.62
N LYS E 59 5.17 25.55 3.66
CA LYS E 59 5.12 26.43 2.51
C LYS E 59 4.28 27.67 2.85
N LYS E 60 4.69 28.84 2.36
CA LYS E 60 3.93 30.08 2.51
C LYS E 60 2.52 29.90 1.94
N PRO E 61 1.45 30.11 2.74
CA PRO E 61 0.08 29.94 2.26
C PRO E 61 -0.41 31.11 1.40
N MET E 62 -1.42 30.85 0.58
CA MET E 62 -2.02 31.85 -0.30
C MET E 62 -2.78 32.91 0.52
N PHE E 63 -3.47 32.46 1.57
CA PHE E 63 -4.14 33.31 2.55
C PHE E 63 -3.34 33.36 3.85
N ASP E 64 -3.24 34.55 4.45
CA ASP E 64 -2.57 34.71 5.73
C ASP E 64 -3.47 34.22 6.86
N LEU E 65 -2.92 34.08 8.07
CA LEU E 65 -3.67 33.50 9.19
C LEU E 65 -4.99 34.24 9.41
N GLU E 66 -4.94 35.57 9.40
CA GLU E 66 -6.10 36.42 9.65
C GLU E 66 -7.19 36.13 8.63
N GLU E 67 -6.82 36.01 7.34
CA GLU E 67 -7.76 35.72 6.27
C GLU E 67 -8.35 34.32 6.43
N ARG E 68 -7.50 33.34 6.78
CA ARG E 68 -7.91 31.95 6.94
C ARG E 68 -8.91 31.83 8.09
N VAL E 69 -8.61 32.46 9.23
CA VAL E 69 -9.46 32.42 10.41
C VAL E 69 -10.82 33.08 10.10
N ALA E 70 -10.80 34.21 9.36
CA ALA E 70 -12.00 34.95 9.05
C ALA E 70 -12.92 34.14 8.12
N LEU E 71 -12.35 33.54 7.08
CA LEU E 71 -13.10 32.76 6.10
C LEU E 71 -13.75 31.54 6.77
N ALA E 72 -13.01 30.87 7.66
CA ALA E 72 -13.47 29.69 8.35
C ALA E 72 -14.57 30.02 9.36
N THR E 73 -14.40 31.13 10.09
CA THR E 73 -15.37 31.61 11.06
C THR E 73 -16.74 31.77 10.38
N THR E 74 -16.77 32.45 9.21
CA THR E 74 -18.00 32.69 8.47
C THR E 74 -18.61 31.37 7.97
N ALA E 75 -17.75 30.49 7.44
CA ALA E 75 -18.20 29.24 6.83
C ALA E 75 -18.82 28.29 7.87
N LEU E 76 -18.41 28.42 9.14
CA LEU E 76 -18.80 27.51 10.21
C LEU E 76 -19.71 28.18 11.23
N GLN E 77 -20.21 29.39 10.91
CA GLN E 77 -21.01 30.18 11.83
C GLN E 77 -22.26 29.42 12.27
N HIS E 78 -22.78 28.54 11.40
CA HIS E 78 -24.03 27.81 11.63
C HIS E 78 -23.88 26.65 12.62
N LEU E 79 -22.65 26.34 13.02
CA LEU E 79 -22.39 25.27 13.97
C LEU E 79 -22.21 25.85 15.38
N PRO E 80 -23.15 25.62 16.32
CA PRO E 80 -23.13 26.30 17.61
C PRO E 80 -21.93 25.97 18.50
N ASN E 81 -21.37 24.76 18.37
CA ASN E 81 -20.40 24.25 19.33
C ASN E 81 -19.00 24.20 18.73
N VAL E 82 -18.74 25.04 17.70
CA VAL E 82 -17.46 25.06 17.01
C VAL E 82 -16.82 26.45 17.13
N GLU E 83 -15.50 26.46 17.39
CA GLU E 83 -14.71 27.68 17.49
C GLU E 83 -13.49 27.58 16.57
N VAL E 84 -13.13 28.71 15.93
CA VAL E 84 -11.98 28.78 15.02
C VAL E 84 -10.86 29.57 15.69
N MET E 85 -9.63 29.02 15.71
CA MET E 85 -8.48 29.61 16.39
C MET E 85 -7.18 29.30 15.65
N GLY E 86 -6.18 30.18 15.79
CA GLY E 86 -4.82 29.92 15.33
C GLY E 86 -3.99 29.16 16.37
N PHE E 87 -2.89 28.55 15.91
CA PHE E 87 -1.92 27.91 16.78
C PHE E 87 -0.56 27.84 16.06
N SER E 88 0.53 27.84 16.85
CA SER E 88 1.89 27.80 16.31
C SER E 88 2.80 26.93 17.18
N ASP E 89 2.40 25.68 17.42
CA ASP E 89 3.27 24.78 18.19
C ASP E 89 3.00 23.32 17.78
N LEU E 90 3.62 22.40 18.52
CA LEU E 90 3.30 20.98 18.50
C LEU E 90 1.84 20.78 18.90
N MET E 91 1.14 19.93 18.15
CA MET E 91 -0.27 19.65 18.40
C MET E 91 -0.58 19.43 19.88
N ALA E 92 0.33 18.71 20.57
CA ALA E 92 0.07 18.33 21.95
C ALA E 92 0.24 19.53 22.89
N ASN E 93 0.66 20.72 22.40
CA ASN E 93 0.79 21.89 23.25
C ASN E 93 -0.50 22.71 23.16
N PHE E 94 -0.98 22.96 21.93
CA PHE E 94 -2.22 23.71 21.75
C PHE E 94 -3.38 22.95 22.38
N ALA E 95 -3.43 21.63 22.15
CA ALA E 95 -4.44 20.77 22.75
C ALA E 95 -4.38 20.83 24.27
N ARG E 96 -3.16 20.77 24.83
CA ARG E 96 -2.96 20.83 26.27
C ARG E 96 -3.47 22.17 26.79
N ALA E 97 -3.06 23.26 26.11
CA ALA E 97 -3.43 24.63 26.49
C ALA E 97 -4.95 24.79 26.48
N GLN E 98 -5.61 24.14 25.51
CA GLN E 98 -7.04 24.29 25.29
C GLN E 98 -7.84 23.22 26.01
N GLN E 99 -7.16 22.39 26.82
CA GLN E 99 -7.80 21.39 27.66
C GLN E 99 -8.64 20.44 26.79
N ALA E 100 -8.08 20.05 25.63
CA ALA E 100 -8.75 19.12 24.72
C ALA E 100 -8.27 17.69 24.99
N ASN E 101 -9.17 16.71 24.80
CA ASN E 101 -8.84 15.30 25.05
C ASN E 101 -8.98 14.47 23.76
N ILE E 102 -9.38 15.12 22.66
CA ILE E 102 -9.58 14.43 21.39
C ILE E 102 -8.91 15.24 20.26
N LEU E 103 -8.17 14.50 19.40
CA LEU E 103 -7.61 15.04 18.18
C LEU E 103 -8.31 14.40 16.98
N ILE E 104 -8.93 15.23 16.13
CA ILE E 104 -9.63 14.78 14.92
C ILE E 104 -8.66 14.81 13.75
N ARG E 105 -8.59 13.70 13.00
CA ARG E 105 -7.79 13.59 11.79
C ARG E 105 -8.67 13.03 10.68
N GLY E 106 -8.62 13.65 9.50
CA GLY E 106 -9.25 13.09 8.32
C GLY E 106 -8.38 12.00 7.70
N LEU E 107 -9.00 10.92 7.24
CA LEU E 107 -8.29 9.76 6.73
C LEU E 107 -8.83 9.43 5.34
N ARG E 108 -8.10 9.91 4.31
CA ARG E 108 -8.54 9.89 2.92
C ARG E 108 -8.10 8.61 2.20
N ALA E 109 -6.83 8.25 2.32
CA ALA E 109 -6.23 7.17 1.57
C ALA E 109 -5.39 6.26 2.47
N VAL E 110 -5.18 5.03 1.99
CA VAL E 110 -4.24 4.06 2.55
C VAL E 110 -2.83 4.64 2.63
N ALA E 111 -2.42 5.41 1.62
CA ALA E 111 -1.11 6.04 1.57
C ALA E 111 -0.83 6.90 2.82
N ASP E 112 -1.88 7.58 3.31
CA ASP E 112 -1.79 8.51 4.43
C ASP E 112 -1.80 7.78 5.77
N PHE E 113 -2.30 6.54 5.80
CA PHE E 113 -2.59 5.80 7.03
C PHE E 113 -1.30 5.53 7.79
N GLU E 114 -0.20 5.16 7.10
CA GLU E 114 1.03 4.84 7.79
C GLU E 114 1.59 6.07 8.49
N TYR E 115 1.55 7.23 7.82
CA TYR E 115 2.08 8.46 8.39
C TYR E 115 1.22 8.87 9.60
N GLU E 116 -0.11 8.71 9.46
CA GLU E 116 -1.04 9.10 10.52
C GLU E 116 -0.83 8.21 11.75
N MET E 117 -0.55 6.93 11.54
CA MET E 117 -0.30 5.98 12.62
C MET E 117 0.98 6.34 13.36
N GLN E 118 1.99 6.83 12.64
CA GLN E 118 3.27 7.27 13.21
C GLN E 118 3.04 8.50 14.10
N LEU E 119 2.30 9.49 13.59
CA LEU E 119 2.01 10.71 14.33
C LEU E 119 1.22 10.38 15.61
N ALA E 120 0.28 9.42 15.50
CA ALA E 120 -0.57 9.04 16.62
C ALA E 120 0.27 8.41 17.73
N HIS E 121 1.28 7.62 17.36
CA HIS E 121 2.18 7.01 18.34
C HIS E 121 2.99 8.09 19.03
N MET E 122 3.53 9.05 18.26
CA MET E 122 4.31 10.15 18.82
CA MET E 122 4.32 10.13 18.84
C MET E 122 3.44 10.95 19.79
N ASN E 123 2.19 11.26 19.37
CA ASN E 123 1.31 12.06 20.22
C ASN E 123 0.95 11.29 21.50
N ARG E 124 0.83 9.95 21.42
CA ARG E 124 0.56 9.12 22.61
C ARG E 124 1.74 9.20 23.57
N HIS E 125 2.96 9.27 23.01
CA HIS E 125 4.17 9.43 23.80
C HIS E 125 4.19 10.80 24.48
N LEU E 126 3.84 11.86 23.74
CA LEU E 126 3.88 13.22 24.25
C LEU E 126 2.73 13.49 25.24
N MET E 127 1.54 12.97 24.95
CA MET E 127 0.34 13.31 25.70
C MET E 127 -0.56 12.08 25.79
N PRO E 128 -0.31 11.15 26.74
CA PRO E 128 -1.03 9.88 26.78
C PRO E 128 -2.55 9.99 26.88
N GLU E 129 -3.06 11.13 27.39
CA GLU E 129 -4.48 11.30 27.67
C GLU E 129 -5.20 11.91 26.45
N LEU E 130 -4.45 12.22 25.37
CA LEU E 130 -5.01 12.70 24.11
C LEU E 130 -5.33 11.50 23.22
N GLU E 131 -6.63 11.36 22.84
CA GLU E 131 -7.08 10.34 21.92
C GLU E 131 -7.15 10.89 20.50
N SER E 132 -6.48 10.19 19.56
CA SER E 132 -6.63 10.46 18.14
C SER E 132 -7.82 9.67 17.61
N VAL E 133 -8.66 10.36 16.83
CA VAL E 133 -9.89 9.79 16.27
C VAL E 133 -9.90 10.11 14.78
N PHE E 134 -10.25 9.08 13.97
CA PHE E 134 -10.13 9.19 12.52
C PHE E 134 -11.49 9.04 11.86
N LEU E 135 -11.78 10.02 10.98
CA LEU E 135 -13.01 10.08 10.20
C LEU E 135 -12.65 10.00 8.72
N MET E 136 -13.42 9.22 7.95
CA MET E 136 -13.25 9.16 6.52
CA MET E 136 -13.27 9.14 6.51
C MET E 136 -14.08 10.26 5.85
N PRO E 137 -13.59 10.87 4.75
CA PRO E 137 -14.37 11.90 4.05
C PRO E 137 -15.55 11.28 3.32
N SER E 138 -16.63 12.07 3.16
CA SER E 138 -17.74 11.70 2.30
C SER E 138 -17.20 11.40 0.90
N LYS E 139 -17.88 10.49 0.19
CA LYS E 139 -17.53 10.14 -1.18
C LYS E 139 -17.48 11.40 -2.05
N GLU E 140 -18.41 12.33 -1.80
CA GLU E 140 -18.53 13.59 -2.52
C GLU E 140 -17.22 14.38 -2.52
N TRP E 141 -16.48 14.34 -1.40
CA TRP E 141 -15.33 15.22 -1.18
C TRP E 141 -14.01 14.44 -1.16
N SER E 142 -14.02 13.19 -1.61
CA SER E 142 -12.92 12.27 -1.33
C SER E 142 -11.66 12.61 -2.12
N PHE E 143 -11.79 13.35 -3.22
CA PHE E 143 -10.66 13.63 -4.12
C PHE E 143 -10.19 15.09 -3.98
N ILE E 144 -10.92 15.95 -3.26
CA ILE E 144 -10.57 17.36 -3.17
C ILE E 144 -9.55 17.57 -2.06
N SER E 145 -8.68 18.57 -2.30
CA SER E 145 -7.83 19.17 -1.27
C SER E 145 -7.75 20.67 -1.52
N SER E 146 -7.36 21.45 -0.49
CA SER E 146 -7.07 22.86 -0.67
C SER E 146 -6.10 23.06 -1.85
N SER E 147 -5.03 22.27 -1.88
CA SER E 147 -3.98 22.38 -2.88
C SER E 147 -4.52 22.21 -4.30
N LEU E 148 -5.38 21.19 -4.49
CA LEU E 148 -5.90 20.90 -5.82
C LEU E 148 -6.89 21.97 -6.25
N VAL E 149 -7.75 22.44 -5.33
CA VAL E 149 -8.73 23.48 -5.62
C VAL E 149 -8.03 24.77 -6.08
N LYS E 150 -6.90 25.12 -5.46
CA LYS E 150 -6.19 26.33 -5.81
C LYS E 150 -5.57 26.22 -7.21
N GLU E 151 -4.94 25.07 -7.50
CA GLU E 151 -4.27 24.85 -8.77
C GLU E 151 -5.30 24.87 -9.90
N VAL E 152 -6.48 24.27 -9.67
CA VAL E 152 -7.55 24.31 -10.65
C VAL E 152 -8.02 25.75 -10.88
N ALA E 153 -8.22 26.51 -9.80
CA ALA E 153 -8.74 27.87 -9.87
C ALA E 153 -7.73 28.82 -10.52
N ARG E 154 -6.44 28.56 -10.32
CA ARG E 154 -5.37 29.38 -10.86
C ARG E 154 -5.37 29.34 -12.39
N HIS E 155 -5.94 28.26 -12.97
CA HIS E 155 -6.07 28.11 -14.41
C HIS E 155 -7.56 28.13 -14.81
N ALA E 156 -8.38 28.83 -14.02
CA ALA E 156 -9.74 29.20 -14.40
C ALA E 156 -10.73 28.03 -14.40
N GLY E 157 -10.33 26.85 -13.91
CA GLY E 157 -11.23 25.72 -13.77
C GLY E 157 -12.33 26.01 -12.75
N ASP E 158 -13.50 25.37 -12.95
CA ASP E 158 -14.67 25.57 -12.11
C ASP E 158 -14.51 24.82 -10.79
N VAL E 159 -14.54 25.56 -9.67
CA VAL E 159 -14.40 25.00 -8.33
C VAL E 159 -15.55 25.48 -7.44
N THR E 160 -16.68 25.89 -8.02
CA THR E 160 -17.79 26.46 -7.26
C THR E 160 -18.44 25.39 -6.38
N HIS E 161 -18.41 24.13 -6.84
CA HIS E 161 -19.02 22.99 -6.15
C HIS E 161 -18.24 22.62 -4.88
N PHE E 162 -16.97 23.04 -4.78
CA PHE E 162 -16.06 22.54 -3.76
C PHE E 162 -15.89 23.50 -2.58
N LEU E 163 -16.31 24.76 -2.72
CA LEU E 163 -16.05 25.80 -1.73
C LEU E 163 -17.37 26.47 -1.30
N PRO E 164 -17.48 27.01 -0.06
CA PRO E 164 -18.59 27.88 0.30
C PRO E 164 -18.44 29.23 -0.42
N ALA E 165 -19.55 29.97 -0.54
CA ALA E 165 -19.60 31.17 -1.35
C ALA E 165 -18.57 32.19 -0.90
N ASN E 166 -18.48 32.43 0.41
CA ASN E 166 -17.55 33.40 0.99
C ASN E 166 -16.13 33.09 0.53
N VAL E 167 -15.75 31.81 0.55
CA VAL E 167 -14.39 31.41 0.22
C VAL E 167 -14.18 31.53 -1.30
N HIS E 168 -15.19 31.14 -2.08
CA HIS E 168 -15.08 31.18 -3.53
C HIS E 168 -14.81 32.63 -3.99
N GLN E 169 -15.55 33.58 -3.41
CA GLN E 169 -15.44 35.00 -3.74
C GLN E 169 -14.02 35.50 -3.42
N ALA E 170 -13.55 35.21 -2.20
CA ALA E 170 -12.23 35.63 -1.75
C ALA E 170 -11.14 35.09 -2.68
N LEU E 171 -11.31 33.84 -3.15
CA LEU E 171 -10.31 33.19 -3.98
C LEU E 171 -10.23 33.85 -5.35
N MET E 172 -11.40 34.09 -5.98
CA MET E 172 -11.46 34.77 -7.26
C MET E 172 -10.73 36.11 -7.15
N GLU E 173 -10.96 36.82 -6.03
CA GLU E 173 -10.35 38.12 -5.77
C GLU E 173 -8.82 37.99 -5.71
N LYS E 174 -8.32 36.92 -5.06
CA LYS E 174 -6.88 36.72 -4.91
C LYS E 174 -6.20 36.49 -6.25
N LEU E 175 -6.93 35.99 -7.26
CA LEU E 175 -6.37 35.59 -8.55
C LEU E 175 -6.64 36.66 -9.63
N LYS E 176 -6.62 37.92 -9.19
CA LYS E 176 -6.62 39.09 -10.07
C LYS E 176 -5.59 40.12 -9.56
N MET F 18 -24.50 15.67 20.58
CA MET F 18 -25.69 14.83 20.85
C MET F 18 -25.30 13.63 21.72
N SER F 19 -26.29 13.04 22.39
CA SER F 19 -26.12 11.80 23.15
C SER F 19 -25.55 10.69 22.24
N THR F 20 -24.50 9.98 22.70
CA THR F 20 -23.73 9.12 21.79
C THR F 20 -23.81 7.67 22.25
N LYS F 21 -24.11 6.76 21.31
CA LYS F 21 -24.19 5.34 21.60
C LYS F 21 -23.48 4.59 20.48
N ALA F 22 -22.44 3.83 20.84
CA ALA F 22 -21.54 3.23 19.87
C ALA F 22 -21.62 1.70 19.90
N ILE F 23 -21.46 1.09 18.72
CA ILE F 23 -21.37 -0.36 18.55
C ILE F 23 -19.94 -0.71 18.15
N TYR F 24 -19.36 -1.73 18.79
CA TYR F 24 -18.05 -2.28 18.45
C TYR F 24 -18.21 -3.76 18.06
N PRO F 25 -18.44 -4.06 16.76
CA PRO F 25 -18.65 -5.43 16.31
C PRO F 25 -17.41 -6.25 15.99
N GLY F 26 -17.51 -7.57 16.16
CA GLY F 26 -16.45 -8.53 15.84
C GLY F 26 -16.87 -9.97 16.19
N THR F 27 -15.96 -10.93 15.98
CA THR F 27 -16.19 -12.32 16.38
C THR F 27 -15.67 -12.57 17.80
N PHE F 28 -14.60 -11.86 18.20
CA PHE F 28 -14.06 -11.94 19.55
C PHE F 28 -13.95 -13.38 20.03
N ASP F 29 -13.12 -14.17 19.32
CA ASP F 29 -13.02 -15.60 19.53
C ASP F 29 -11.58 -16.00 19.87
N PRO F 30 -11.06 -15.73 21.09
CA PRO F 30 -11.73 -14.90 22.10
C PRO F 30 -11.25 -13.44 22.11
N ILE F 31 -11.85 -12.64 23.00
CA ILE F 31 -11.44 -11.27 23.22
C ILE F 31 -10.01 -11.24 23.77
N THR F 32 -9.19 -10.29 23.25
CA THR F 32 -7.80 -10.09 23.65
C THR F 32 -7.64 -8.72 24.30
N ASN F 33 -6.43 -8.45 24.84
CA ASN F 33 -6.09 -7.17 25.44
C ASN F 33 -6.20 -6.04 24.42
N GLY F 34 -5.99 -6.37 23.14
CA GLY F 34 -6.12 -5.38 22.07
C GLY F 34 -7.56 -4.89 21.94
N HIS F 35 -8.50 -5.83 21.96
CA HIS F 35 -9.92 -5.50 21.94
C HIS F 35 -10.28 -4.65 23.15
N ILE F 36 -9.80 -5.05 24.32
CA ILE F 36 -10.14 -4.40 25.58
C ILE F 36 -9.63 -2.96 25.56
N ASP F 37 -8.46 -2.73 24.96
CA ASP F 37 -7.88 -1.41 24.84
C ASP F 37 -8.77 -0.51 23.97
N ILE F 38 -9.20 -1.04 22.81
CA ILE F 38 -10.06 -0.29 21.89
C ILE F 38 -11.36 0.13 22.60
N ILE F 39 -12.04 -0.84 23.23
CA ILE F 39 -13.34 -0.56 23.82
C ILE F 39 -13.21 0.37 25.03
N THR F 40 -12.09 0.27 25.78
CA THR F 40 -11.84 1.13 26.94
C THR F 40 -11.76 2.58 26.47
N ARG F 41 -11.00 2.81 25.40
CA ARG F 41 -10.80 4.13 24.83
C ARG F 41 -12.12 4.69 24.29
N ALA F 42 -12.92 3.82 23.66
CA ALA F 42 -14.20 4.23 23.09
C ALA F 42 -15.18 4.62 24.20
N ALA F 43 -15.20 3.82 25.30
CA ALA F 43 -16.09 4.04 26.42
C ALA F 43 -15.76 5.32 27.19
N SER F 44 -14.53 5.85 27.03
CA SER F 44 -14.13 7.09 27.67
C SER F 44 -14.58 8.32 26.88
N MET F 45 -15.00 8.15 25.62
CA MET F 45 -15.35 9.30 24.78
C MET F 45 -16.82 9.28 24.34
N PHE F 46 -17.54 8.15 24.52
CA PHE F 46 -18.94 8.05 24.16
C PHE F 46 -19.76 7.61 25.37
N ASP F 47 -21.06 7.96 25.39
CA ASP F 47 -21.92 7.76 26.54
C ASP F 47 -22.05 6.26 26.83
N ARG F 48 -22.40 5.47 25.81
CA ARG F 48 -22.59 4.02 25.96
C ARG F 48 -21.92 3.28 24.78
N VAL F 49 -21.40 2.07 25.06
CA VAL F 49 -20.77 1.24 24.04
C VAL F 49 -21.31 -0.18 24.16
N ILE F 50 -21.71 -0.77 23.02
CA ILE F 50 -22.06 -2.18 22.96
C ILE F 50 -20.96 -2.93 22.22
N LEU F 51 -20.36 -3.93 22.89
CA LEU F 51 -19.55 -4.94 22.22
C LEU F 51 -20.51 -5.92 21.54
N ALA F 52 -20.56 -5.89 20.20
CA ALA F 52 -21.48 -6.72 19.45
C ALA F 52 -20.76 -7.95 18.91
N ILE F 53 -21.12 -9.16 19.40
CA ILE F 53 -20.43 -10.39 19.06
C ILE F 53 -21.23 -11.18 18.02
N ALA F 54 -20.62 -11.43 16.85
CA ALA F 54 -21.29 -12.13 15.75
C ALA F 54 -21.61 -13.58 16.13
N ALA F 55 -22.88 -13.95 15.98
CA ALA F 55 -23.39 -15.26 16.40
C ALA F 55 -22.85 -16.35 15.47
N SER F 56 -22.97 -16.13 14.16
CA SER F 56 -22.65 -17.12 13.15
C SER F 56 -21.55 -16.58 12.22
N PRO F 57 -20.28 -16.56 12.66
CA PRO F 57 -19.16 -16.20 11.78
C PRO F 57 -19.01 -17.22 10.65
N SER F 58 -18.26 -16.83 9.62
CA SER F 58 -18.04 -17.61 8.41
C SER F 58 -17.44 -18.98 8.75
N LYS F 59 -16.28 -18.97 9.42
CA LYS F 59 -15.67 -20.19 9.94
C LYS F 59 -16.21 -20.47 11.34
N LYS F 60 -16.42 -21.76 11.65
CA LYS F 60 -16.85 -22.19 12.98
C LYS F 60 -15.83 -21.72 14.02
N PRO F 61 -16.24 -20.92 15.04
CA PRO F 61 -15.32 -20.42 16.05
C PRO F 61 -14.96 -21.47 17.11
N MET F 62 -13.83 -21.26 17.81
CA MET F 62 -13.36 -22.16 18.84
C MET F 62 -14.28 -22.11 20.07
N PHE F 63 -14.77 -20.90 20.40
CA PHE F 63 -15.76 -20.67 21.43
C PHE F 63 -17.11 -20.37 20.77
N ASP F 64 -18.20 -20.95 21.32
CA ASP F 64 -19.55 -20.66 20.84
C ASP F 64 -20.02 -19.30 21.35
N LEU F 65 -21.14 -18.79 20.83
CA LEU F 65 -21.60 -17.45 21.17
C LEU F 65 -21.71 -17.27 22.68
N GLU F 66 -22.32 -18.24 23.36
CA GLU F 66 -22.55 -18.16 24.79
C GLU F 66 -21.22 -18.01 25.54
N GLU F 67 -20.22 -18.81 25.14
CA GLU F 67 -18.89 -18.76 25.76
C GLU F 67 -18.21 -17.41 25.48
N ARG F 68 -18.33 -16.92 24.26
CA ARG F 68 -17.71 -15.66 23.85
C ARG F 68 -18.31 -14.49 24.63
N VAL F 69 -19.65 -14.46 24.73
CA VAL F 69 -20.36 -13.42 25.46
C VAL F 69 -19.97 -13.45 26.94
N ALA F 70 -19.85 -14.65 27.52
CA ALA F 70 -19.55 -14.81 28.93
C ALA F 70 -18.13 -14.33 29.24
N LEU F 71 -17.16 -14.73 28.41
CA LEU F 71 -15.76 -14.35 28.58
C LEU F 71 -15.59 -12.82 28.48
N ALA F 72 -16.27 -12.21 27.51
CA ALA F 72 -16.19 -10.77 27.27
C ALA F 72 -16.86 -9.98 28.39
N THR F 73 -18.01 -10.46 28.86
CA THR F 73 -18.74 -9.85 29.98
C THR F 73 -17.82 -9.74 31.20
N THR F 74 -17.11 -10.83 31.56
CA THR F 74 -16.22 -10.85 32.71
C THR F 74 -15.04 -9.90 32.48
N ALA F 75 -14.46 -9.93 31.27
CA ALA F 75 -13.27 -9.15 30.94
C ALA F 75 -13.54 -7.64 31.01
N LEU F 76 -14.80 -7.24 30.77
CA LEU F 76 -15.17 -5.84 30.62
C LEU F 76 -16.08 -5.39 31.77
N GLN F 77 -16.19 -6.21 32.83
CA GLN F 77 -17.09 -5.96 33.95
C GLN F 77 -16.78 -4.62 34.62
N HIS F 78 -15.50 -4.22 34.58
CA HIS F 78 -15.01 -3.02 35.26
C HIS F 78 -15.37 -1.73 34.53
N LEU F 79 -15.94 -1.82 33.31
CA LEU F 79 -16.33 -0.66 32.54
C LEU F 79 -17.83 -0.42 32.72
N PRO F 80 -18.25 0.67 33.42
CA PRO F 80 -19.65 0.82 33.80
C PRO F 80 -20.62 1.03 32.63
N ASN F 81 -20.13 1.60 31.51
CA ASN F 81 -21.01 2.06 30.43
C ASN F 81 -20.87 1.15 29.20
N VAL F 82 -20.47 -0.12 29.41
CA VAL F 82 -20.30 -1.08 28.33
C VAL F 82 -21.22 -2.28 28.55
N GLU F 83 -21.87 -2.72 27.46
CA GLU F 83 -22.71 -3.91 27.45
C GLU F 83 -22.24 -4.87 26.35
N VAL F 84 -22.26 -6.17 26.64
CA VAL F 84 -21.89 -7.22 25.69
C VAL F 84 -23.16 -7.93 25.21
N MET F 85 -23.30 -8.08 23.88
CA MET F 85 -24.49 -8.66 23.25
C MET F 85 -24.09 -9.45 22.01
N GLY F 86 -24.87 -10.50 21.68
CA GLY F 86 -24.76 -11.18 20.40
C GLY F 86 -25.61 -10.49 19.33
N PHE F 87 -25.28 -10.78 18.05
CA PHE F 87 -26.08 -10.33 16.91
C PHE F 87 -25.89 -11.33 15.76
N SER F 88 -26.90 -11.45 14.89
CA SER F 88 -26.90 -12.43 13.81
C SER F 88 -27.53 -11.86 12.53
N ASP F 89 -27.14 -10.64 12.17
CA ASP F 89 -27.81 -9.90 11.11
C ASP F 89 -26.85 -8.80 10.63
N LEU F 90 -27.36 -7.92 9.76
CA LEU F 90 -26.59 -6.81 9.23
C LEU F 90 -26.24 -5.86 10.39
N MET F 91 -24.95 -5.50 10.52
CA MET F 91 -24.55 -4.62 11.61
C MET F 91 -25.25 -3.27 11.49
N ALA F 92 -25.82 -2.94 10.34
CA ALA F 92 -26.57 -1.70 10.18
C ALA F 92 -27.95 -1.84 10.82
N ASN F 93 -28.55 -3.03 10.72
CA ASN F 93 -29.88 -3.27 11.25
C ASN F 93 -29.85 -3.41 12.77
N PHE F 94 -28.80 -4.09 13.26
CA PHE F 94 -28.57 -4.20 14.70
C PHE F 94 -28.38 -2.81 15.31
N ALA F 95 -27.57 -1.97 14.64
CA ALA F 95 -27.34 -0.61 15.09
C ALA F 95 -28.65 0.19 15.13
N ARG F 96 -29.46 0.03 14.08
N ARG F 96 -29.50 0.03 14.10
CA ARG F 96 -30.75 0.71 14.01
CA ARG F 96 -30.77 0.76 14.01
C ARG F 96 -31.64 0.24 15.15
C ARG F 96 -31.75 0.23 15.06
N ALA F 97 -31.71 -1.08 15.36
CA ALA F 97 -32.51 -1.68 16.42
C ALA F 97 -32.07 -1.19 17.80
N GLN F 98 -30.76 -0.97 17.97
CA GLN F 98 -30.18 -0.58 19.25
C GLN F 98 -30.09 0.94 19.38
N GLN F 99 -30.58 1.68 18.38
CA GLN F 99 -30.61 3.13 18.39
C GLN F 99 -29.19 3.68 18.59
N ALA F 100 -28.22 3.07 17.92
CA ALA F 100 -26.83 3.52 17.96
C ALA F 100 -26.55 4.46 16.80
N ASN F 101 -25.68 5.45 17.02
CA ASN F 101 -25.35 6.45 16.01
C ASN F 101 -23.85 6.39 15.65
N ILE F 102 -23.09 5.51 16.31
CA ILE F 102 -21.66 5.41 16.08
C ILE F 102 -21.26 3.94 15.93
N LEU F 103 -20.43 3.67 14.92
CA LEU F 103 -19.82 2.37 14.70
C LEU F 103 -18.30 2.49 14.92
N ILE F 104 -17.77 1.72 15.87
CA ILE F 104 -16.35 1.70 16.20
C ILE F 104 -15.66 0.62 15.39
N ARG F 105 -14.54 0.99 14.75
CA ARG F 105 -13.66 0.02 14.10
C ARG F 105 -12.23 0.26 14.60
N GLY F 106 -11.57 -0.82 15.04
CA GLY F 106 -10.13 -0.77 15.29
C GLY F 106 -9.37 -0.90 13.97
N LEU F 107 -8.26 -0.16 13.84
CA LEU F 107 -7.55 -0.09 12.58
C LEU F 107 -6.08 -0.45 12.80
N ARG F 108 -5.74 -1.72 12.54
CA ARG F 108 -4.51 -2.35 13.03
C ARG F 108 -3.37 -2.22 12.00
N ALA F 109 -3.68 -2.58 10.75
CA ALA F 109 -2.73 -2.61 9.65
C ALA F 109 -3.25 -1.82 8.44
N VAL F 110 -2.33 -1.50 7.52
CA VAL F 110 -2.64 -0.83 6.25
C VAL F 110 -3.61 -1.69 5.44
N ALA F 111 -3.38 -3.01 5.41
CA ALA F 111 -3.99 -3.88 4.43
C ALA F 111 -5.52 -3.91 4.60
N ASP F 112 -5.96 -3.87 5.87
CA ASP F 112 -7.35 -3.97 6.27
C ASP F 112 -8.06 -2.62 6.17
N PHE F 113 -7.32 -1.51 6.03
CA PHE F 113 -7.92 -0.19 5.92
C PHE F 113 -8.76 -0.07 4.64
N GLU F 114 -8.31 -0.63 3.52
CA GLU F 114 -9.07 -0.63 2.28
C GLU F 114 -10.45 -1.28 2.45
N TYR F 115 -10.47 -2.46 3.08
CA TYR F 115 -11.69 -3.22 3.27
C TYR F 115 -12.62 -2.47 4.23
N GLU F 116 -12.05 -1.86 5.27
CA GLU F 116 -12.82 -1.12 6.26
C GLU F 116 -13.48 0.11 5.61
N MET F 117 -12.75 0.78 4.71
CA MET F 117 -13.26 1.95 4.00
C MET F 117 -14.42 1.56 3.09
N GLN F 118 -14.35 0.37 2.49
CA GLN F 118 -15.40 -0.16 1.63
C GLN F 118 -16.66 -0.42 2.45
N LEU F 119 -16.51 -1.09 3.60
CA LEU F 119 -17.63 -1.39 4.49
C LEU F 119 -18.28 -0.10 4.99
N ALA F 120 -17.46 0.93 5.27
CA ALA F 120 -17.97 2.20 5.78
C ALA F 120 -18.86 2.89 4.73
N HIS F 121 -18.46 2.79 3.45
CA HIS F 121 -19.24 3.36 2.36
C HIS F 121 -20.57 2.61 2.25
N MET F 122 -20.52 1.27 2.31
CA MET F 122 -21.72 0.45 2.23
C MET F 122 -22.65 0.77 3.40
N ASN F 123 -22.10 0.89 4.62
CA ASN F 123 -22.90 1.18 5.79
C ASN F 123 -23.52 2.59 5.68
N ARG F 124 -22.83 3.55 5.05
CA ARG F 124 -23.39 4.88 4.83
C ARG F 124 -24.59 4.79 3.89
N HIS F 125 -24.50 3.89 2.90
CA HIS F 125 -25.61 3.63 1.99
C HIS F 125 -26.79 3.01 2.74
N LEU F 126 -26.51 2.03 3.61
CA LEU F 126 -27.55 1.29 4.32
C LEU F 126 -28.17 2.12 5.44
N MET F 127 -27.34 2.91 6.14
CA MET F 127 -27.79 3.64 7.32
C MET F 127 -27.08 4.99 7.37
N PRO F 128 -27.59 6.02 6.66
CA PRO F 128 -26.88 7.31 6.54
C PRO F 128 -26.58 8.01 7.87
N GLU F 129 -27.34 7.69 8.91
CA GLU F 129 -27.26 8.37 10.20
C GLU F 129 -26.24 7.68 11.13
N LEU F 130 -25.64 6.57 10.66
CA LEU F 130 -24.59 5.87 11.40
C LEU F 130 -23.23 6.42 10.98
N GLU F 131 -22.45 6.94 11.96
CA GLU F 131 -21.11 7.46 11.74
C GLU F 131 -20.07 6.40 12.11
N SER F 132 -19.18 6.09 11.15
CA SER F 132 -18.06 5.19 11.38
C SER F 132 -16.88 5.98 11.93
N VAL F 133 -16.27 5.44 12.99
CA VAL F 133 -15.18 6.09 13.71
C VAL F 133 -14.05 5.07 13.89
N PHE F 134 -12.80 5.51 13.62
CA PHE F 134 -11.67 4.61 13.59
C PHE F 134 -10.64 5.01 14.65
N LEU F 135 -10.23 3.99 15.44
CA LEU F 135 -9.22 4.12 16.48
C LEU F 135 -8.04 3.21 16.13
N MET F 136 -6.80 3.70 16.28
CA MET F 136 -5.62 2.87 16.05
C MET F 136 -5.22 2.22 17.37
N PRO F 137 -4.71 0.96 17.35
CA PRO F 137 -4.37 0.26 18.58
C PRO F 137 -3.10 0.85 19.20
N SER F 138 -2.98 0.72 20.53
CA SER F 138 -1.74 0.92 21.26
C SER F 138 -0.63 0.11 20.58
N LYS F 139 0.59 0.66 20.65
CA LYS F 139 1.79 0.02 20.12
C LYS F 139 1.94 -1.39 20.71
N GLU F 140 1.59 -1.53 22.00
CA GLU F 140 1.69 -2.78 22.74
C GLU F 140 0.93 -3.91 22.03
N TRP F 141 -0.23 -3.59 21.43
CA TRP F 141 -1.16 -4.60 20.91
C TRP F 141 -1.23 -4.60 19.38
N SER F 142 -0.26 -3.95 18.72
CA SER F 142 -0.31 -3.74 17.28
C SER F 142 -0.15 -5.03 16.48
N PHE F 143 0.48 -6.09 17.05
CA PHE F 143 0.71 -7.30 16.26
C PHE F 143 -0.28 -8.42 16.62
N ILE F 144 -0.99 -8.31 17.76
CA ILE F 144 -1.75 -9.46 18.27
C ILE F 144 -3.13 -9.53 17.61
N SER F 145 -3.53 -10.76 17.28
CA SER F 145 -4.85 -11.05 16.74
C SER F 145 -5.22 -12.46 17.21
N SER F 146 -6.54 -12.66 17.35
CA SER F 146 -7.07 -13.87 17.95
C SER F 146 -6.53 -15.07 17.17
N SER F 147 -6.58 -15.01 15.84
CA SER F 147 -6.16 -16.10 14.96
C SER F 147 -4.72 -16.54 15.20
N LEU F 148 -3.80 -15.57 15.33
CA LEU F 148 -2.39 -15.89 15.48
C LEU F 148 -2.13 -16.42 16.89
N VAL F 149 -2.78 -15.85 17.91
CA VAL F 149 -2.64 -16.32 19.28
C VAL F 149 -3.08 -17.80 19.40
N LYS F 150 -4.15 -18.20 18.72
CA LYS F 150 -4.63 -19.57 18.78
C LYS F 150 -3.65 -20.53 18.11
N GLU F 151 -3.11 -20.15 16.94
CA GLU F 151 -2.17 -20.99 16.19
C GLU F 151 -0.88 -21.17 17.01
N VAL F 152 -0.43 -20.12 17.70
CA VAL F 152 0.72 -20.24 18.59
C VAL F 152 0.40 -21.21 19.74
N ALA F 153 -0.79 -21.05 20.35
CA ALA F 153 -1.19 -21.82 21.52
C ALA F 153 -1.43 -23.28 21.17
N ARG F 154 -1.76 -23.61 19.91
CA ARG F 154 -1.76 -25.00 19.46
C ARG F 154 -0.35 -25.61 19.52
N HIS F 155 0.68 -24.83 19.87
CA HIS F 155 2.04 -25.30 20.00
C HIS F 155 2.55 -24.99 21.41
N ALA F 156 3.00 -23.75 21.65
CA ALA F 156 3.50 -23.30 22.94
C ALA F 156 3.91 -21.83 22.88
N GLY F 157 3.92 -21.14 24.04
CA GLY F 157 4.43 -19.77 24.11
C GLY F 157 3.55 -18.88 24.99
N ASP F 158 4.16 -18.00 25.82
CA ASP F 158 3.45 -17.37 26.92
C ASP F 158 2.54 -16.25 26.41
N VAL F 159 1.23 -16.42 26.60
CA VAL F 159 0.22 -15.49 26.16
C VAL F 159 -0.40 -14.80 27.38
N THR F 160 0.35 -14.73 28.49
CA THR F 160 -0.14 -14.15 29.74
C THR F 160 -0.34 -12.64 29.52
N HIS F 161 0.57 -12.03 28.74
CA HIS F 161 0.57 -10.58 28.52
C HIS F 161 -0.51 -10.21 27.51
N PHE F 162 -1.05 -11.17 26.76
CA PHE F 162 -1.97 -10.88 25.66
C PHE F 162 -3.45 -11.04 26.05
N LEU F 163 -3.73 -11.83 27.12
CA LEU F 163 -5.11 -12.19 27.45
C LEU F 163 -5.45 -11.78 28.89
N PRO F 164 -6.73 -11.45 29.20
CA PRO F 164 -7.15 -11.28 30.60
C PRO F 164 -7.25 -12.65 31.27
N ALA F 165 -7.20 -12.68 32.60
CA ALA F 165 -7.03 -13.92 33.35
C ALA F 165 -8.16 -14.91 33.04
N ASN F 166 -9.42 -14.44 33.05
CA ASN F 166 -10.56 -15.31 32.84
C ASN F 166 -10.43 -16.00 31.46
N VAL F 167 -10.00 -15.23 30.44
CA VAL F 167 -9.90 -15.76 29.10
C VAL F 167 -8.71 -16.72 29.01
N HIS F 168 -7.61 -16.37 29.66
CA HIS F 168 -6.38 -17.15 29.68
C HIS F 168 -6.66 -18.55 30.22
N GLN F 169 -7.42 -18.63 31.33
CA GLN F 169 -7.75 -19.87 32.00
C GLN F 169 -8.58 -20.74 31.07
N ALA F 170 -9.65 -20.15 30.50
CA ALA F 170 -10.55 -20.86 29.60
C ALA F 170 -9.79 -21.42 28.40
N LEU F 171 -8.82 -20.66 27.88
CA LEU F 171 -8.09 -21.04 26.69
C LEU F 171 -7.16 -22.20 26.98
N MET F 172 -6.44 -22.14 28.10
CA MET F 172 -5.57 -23.24 28.53
C MET F 172 -6.41 -24.52 28.60
N GLU F 173 -7.61 -24.41 29.18
CA GLU F 173 -8.53 -25.53 29.32
C GLU F 173 -8.94 -26.06 27.93
N LYS F 174 -9.31 -25.09 27.06
CA LYS F 174 -9.82 -25.37 25.72
C LYS F 174 -8.72 -26.09 24.92
N LEU F 175 -7.47 -25.64 25.11
CA LEU F 175 -6.33 -26.32 24.52
C LEU F 175 -6.29 -27.73 25.11
N LYS F 176 -6.65 -28.74 24.29
CA LYS F 176 -6.61 -30.13 24.72
C LYS F 176 -6.39 -31.02 23.49
C1 CIT G . 14.66 10.09 8.47
O1 CIT G . 14.18 10.30 9.60
O2 CIT G . 15.08 11.00 7.72
C2 CIT G . 14.71 8.68 7.96
C3 CIT G . 15.74 7.75 8.61
O7 CIT G . 15.92 6.60 7.81
C4 CIT G . 17.08 8.48 8.77
C5 CIT G . 18.15 8.14 7.75
O3 CIT G . 17.82 8.01 6.54
O4 CIT G . 19.34 8.02 8.14
C6 CIT G . 15.23 7.32 10.01
O5 CIT G . 15.78 7.85 11.00
O6 CIT G . 14.30 6.50 10.06
C1 CIT H . 2.98 -19.83 -3.88
O1 CIT H . 3.15 -20.41 -4.96
O2 CIT H . 2.17 -18.92 -3.71
C2 CIT H . 3.79 -20.27 -2.66
C3 CIT H . 5.22 -19.72 -2.53
O7 CIT H . 5.28 -18.84 -1.43
C4 CIT H . 6.20 -20.89 -2.33
C5 CIT H . 6.36 -21.42 -0.91
O3 CIT H . 5.61 -21.00 -0.01
O4 CIT H . 7.24 -22.27 -0.71
C6 CIT H . 5.62 -18.96 -3.83
O5 CIT H . 6.16 -19.62 -4.73
O6 CIT H . 5.40 -17.73 -3.87
C1 CIT I . -15.09 -10.15 -11.00
O1 CIT I . -14.20 -10.99 -10.70
O2 CIT I . -16.02 -10.39 -11.80
C2 CIT I . -15.03 -8.77 -10.35
C3 CIT I . -15.18 -8.71 -8.83
O7 CIT I . -13.89 -8.74 -8.25
C4 CIT I . -15.99 -9.90 -8.31
C5 CIT I . -16.01 -10.07 -6.79
O3 CIT I . -16.76 -9.31 -6.14
O4 CIT I . -15.30 -10.95 -6.29
C6 CIT I . -15.90 -7.40 -8.43
O5 CIT I . -17.08 -7.27 -8.80
O6 CIT I . -15.27 -6.58 -7.77
C1 CIT J . 7.56 12.42 -15.78
O1 CIT J . 7.61 12.45 -17.02
O2 CIT J . 6.57 12.83 -15.12
C2 CIT J . 8.77 11.91 -15.01
C3 CIT J . 8.54 10.65 -14.15
O7 CIT J . 7.18 10.25 -14.23
C4 CIT J . 8.88 10.96 -12.69
C5 CIT J . 10.23 11.63 -12.41
O3 CIT J . 10.21 12.69 -11.79
O4 CIT J . 11.27 11.08 -12.80
C6 CIT J . 9.46 9.51 -14.66
O5 CIT J . 10.45 9.83 -15.33
O6 CIT J . 9.14 8.35 -14.38
C1 GOL K . 5.29 7.20 -16.06
O1 GOL K . 4.74 7.93 -17.15
C2 GOL K . 6.04 5.97 -16.54
O2 GOL K . 5.92 4.93 -15.57
C3 GOL K . 7.51 6.24 -16.83
O3 GOL K . 8.23 5.03 -17.07
C1 CIT L . -3.90 20.36 1.26
O1 CIT L . -2.95 20.89 1.85
O2 CIT L . -4.45 20.84 0.25
C2 CIT L . -4.43 19.04 1.79
C3 CIT L . -5.48 19.16 2.90
O7 CIT L . -5.21 20.29 3.71
C4 CIT L . -5.41 17.88 3.77
C5 CIT L . -5.97 18.02 5.17
O3 CIT L . -7.20 18.06 5.31
O4 CIT L . -5.16 18.07 6.10
C6 CIT L . -6.89 19.29 2.27
O5 CIT L . -7.57 18.26 2.16
O6 CIT L . -7.25 20.42 1.93
C1 CIT M . -12.37 -10.09 15.64
O1 CIT M . -13.37 -10.57 16.17
O2 CIT M . -12.41 -9.34 14.65
C2 CIT M . -11.02 -10.44 16.24
C3 CIT M . -9.79 -10.38 15.32
O7 CIT M . -10.07 -9.59 14.18
C4 CIT M . -9.44 -11.80 14.87
C5 CIT M . -8.12 -11.94 14.14
O3 CIT M . -7.82 -11.09 13.28
O4 CIT M . -7.39 -12.89 14.45
C6 CIT M . -8.59 -9.77 16.10
O5 CIT M . -8.22 -10.38 17.12
O6 CIT M . -8.07 -8.73 15.65
#